data_3E4E
#
_entry.id   3E4E
#
_cell.length_a   71.193
_cell.length_b   71.193
_cell.length_c   225.888
_cell.angle_alpha   90.00
_cell.angle_beta   90.00
_cell.angle_gamma   90.00
#
_symmetry.space_group_name_H-M   'P 43'
#
loop_
_entity.id
_entity.type
_entity.pdbx_description
1 polymer 'Cytochrome P450 2E1'
2 non-polymer 'PROTOPORPHYRIN IX CONTAINING FE'
3 non-polymer 4-methyl-1H-pyrazole
4 water water
#
_entity_poly.entity_id   1
_entity_poly.type   'polypeptide(L)'
_entity_poly.pdbx_seq_one_letter_code
;MAKKTSSKGKLPPGPFPLPIIGNLFQLELKNIPKSFTRLAQRFGPVFTLYVGSQRMVVMHGYKAVKEALLDYKDEFSGRG
DLPAFHAHRDRGIIFNNGPTWKDIRRFSLTTLRNYGMGKQGNESRIQREAHFLLEALRKTQGQPFDPTFLIGCAPCNVIA
DILFRKHFDYNDEKFLRLMYLFNENFHLLSTPWLQLYNNFPSFLHYLPGSHRKVIKNVAEVKEYVSERVKEHHQSLDPNC
PRDLTDCLLVEMEKEKHSAERLYTMDGITVTVADLFFAGTETTSTTLRYGLLILMKYPEIEEKLHEEIDRVIGPSRIPAI
KDRQEMPYMDAVVHEIQRFITLVPSNLPHEATRDTIFRGYLIPKGTVVVPTLDSVLYDNQEFPDPEKFKPEHFLNENGKF
KYSDYFKPFSTGKRVCAGEGLARMELFLLLCAILQHFNLKPLVDPKDIDLSPIHIGFGCIPPRYKLCVIPRSHHHH
;
_entity_poly.pdbx_strand_id   A,B
#
# COMPACT_ATOMS: atom_id res chain seq x y z
N LYS A 10 -18.36 -30.20 -49.90
CA LYS A 10 -19.16 -30.45 -48.64
C LYS A 10 -18.43 -30.12 -47.30
N LEU A 11 -19.11 -30.29 -46.16
CA LEU A 11 -18.51 -30.00 -44.86
C LEU A 11 -17.57 -31.14 -44.45
N PRO A 12 -16.57 -30.85 -43.59
CA PRO A 12 -15.71 -31.93 -43.05
C PRO A 12 -16.58 -33.09 -42.52
N PRO A 13 -16.08 -34.36 -42.56
CA PRO A 13 -16.98 -35.44 -42.10
C PRO A 13 -17.23 -35.39 -40.56
N GLY A 14 -18.28 -36.07 -40.12
CA GLY A 14 -18.69 -35.96 -38.73
C GLY A 14 -19.84 -36.83 -38.30
N PRO A 15 -19.99 -37.02 -36.99
CA PRO A 15 -21.09 -37.88 -36.59
C PRO A 15 -22.38 -37.18 -36.92
N PHE A 16 -23.41 -37.97 -37.08
CA PHE A 16 -24.67 -37.49 -37.56
C PHE A 16 -25.42 -36.82 -36.38
N PRO A 17 -25.68 -35.50 -36.46
CA PRO A 17 -26.34 -34.73 -35.36
C PRO A 17 -27.77 -35.13 -35.13
N LEU A 18 -28.29 -34.83 -33.94
CA LEU A 18 -29.67 -35.13 -33.60
C LEU A 18 -30.35 -33.79 -33.53
N PRO A 19 -31.66 -33.76 -33.78
CA PRO A 19 -32.47 -32.56 -33.63
C PRO A 19 -32.28 -31.95 -32.25
N ILE A 20 -32.12 -30.63 -32.23
CA ILE A 20 -31.99 -29.79 -31.04
C ILE A 20 -30.65 -29.88 -30.30
N ILE A 21 -30.24 -31.09 -29.91
CA ILE A 21 -29.00 -31.28 -29.17
C ILE A 21 -27.79 -31.51 -30.03
N GLY A 22 -28.00 -31.72 -31.33
CA GLY A 22 -26.88 -31.87 -32.23
C GLY A 22 -26.08 -33.10 -31.90
N ASN A 23 -24.79 -32.89 -31.67
CA ASN A 23 -23.86 -33.98 -31.43
C ASN A 23 -23.51 -34.21 -29.97
N LEU A 24 -24.26 -33.59 -29.07
CA LEU A 24 -24.03 -33.63 -27.61
C LEU A 24 -23.80 -35.01 -26.96
N PHE A 25 -24.30 -36.09 -27.54
CA PHE A 25 -24.11 -37.42 -26.98
C PHE A 25 -22.72 -37.93 -27.37
N GLN A 26 -22.10 -37.31 -28.36
CA GLN A 26 -20.71 -37.64 -28.70
C GLN A 26 -19.65 -36.87 -27.85
N LEU A 27 -20.11 -36.08 -26.87
CA LEU A 27 -19.21 -35.25 -26.04
C LEU A 27 -19.35 -35.49 -24.55
N GLU A 28 -18.30 -35.99 -23.92
CA GLU A 28 -18.22 -36.02 -22.47
C GLU A 28 -17.97 -34.55 -21.94
N LEU A 29 -18.92 -33.96 -21.19
CA LEU A 29 -18.77 -32.54 -20.83
C LEU A 29 -17.67 -32.25 -19.84
N LYS A 30 -17.34 -33.21 -18.99
CA LYS A 30 -16.22 -33.09 -18.06
C LYS A 30 -14.91 -33.05 -18.82
N ASN A 31 -14.90 -33.42 -20.11
CA ASN A 31 -13.65 -33.64 -20.86
C ASN A 31 -13.80 -33.53 -22.38
N ILE A 32 -14.14 -32.34 -22.83
CA ILE A 32 -14.32 -32.07 -24.24
C ILE A 32 -13.02 -32.51 -25.01
N PRO A 33 -11.82 -32.06 -24.59
CA PRO A 33 -10.65 -32.47 -25.37
C PRO A 33 -10.53 -33.95 -25.56
N LYS A 34 -10.94 -34.75 -24.59
CA LYS A 34 -10.79 -36.21 -24.76
C LYS A 34 -11.80 -36.73 -25.80
N SER A 35 -12.97 -36.10 -25.84
CA SER A 35 -13.94 -36.41 -26.86
C SER A 35 -13.46 -36.07 -28.28
N PHE A 36 -12.86 -34.88 -28.42
CA PHE A 36 -12.18 -34.45 -29.64
C PHE A 36 -11.17 -35.49 -30.11
N THR A 37 -10.20 -35.82 -29.29
CA THR A 37 -9.26 -36.87 -29.65
C THR A 37 -9.98 -38.11 -30.12
N ARG A 38 -11.03 -38.52 -29.41
CA ARG A 38 -11.80 -39.73 -29.80
C ARG A 38 -12.42 -39.60 -31.22
N LEU A 39 -13.16 -38.50 -31.42
CA LEU A 39 -13.69 -38.16 -32.74
C LEU A 39 -12.63 -38.06 -33.83
N ALA A 40 -11.45 -37.60 -33.45
CA ALA A 40 -10.37 -37.57 -34.43
C ALA A 40 -9.92 -38.99 -34.82
N GLN A 41 -9.87 -39.98 -33.91
CA GLN A 41 -9.56 -41.38 -34.31
C GLN A 41 -10.57 -41.87 -35.33
N ARG A 42 -11.79 -41.37 -35.28
CA ARG A 42 -12.88 -41.95 -36.03
C ARG A 42 -13.02 -41.25 -37.40
N PHE A 43 -12.72 -39.97 -37.49
CA PHE A 43 -13.06 -39.16 -38.66
C PHE A 43 -11.86 -38.41 -39.23
N GLY A 44 -10.69 -38.58 -38.62
CA GLY A 44 -9.49 -37.93 -39.08
C GLY A 44 -9.39 -36.61 -38.38
N PRO A 45 -8.42 -35.78 -38.80
CA PRO A 45 -7.96 -34.50 -38.27
C PRO A 45 -8.83 -33.27 -38.51
N VAL A 46 -9.83 -33.37 -39.38
CA VAL A 46 -10.76 -32.25 -39.59
C VAL A 46 -12.09 -32.88 -39.60
N PHE A 47 -12.98 -32.37 -38.75
CA PHE A 47 -14.31 -32.92 -38.61
C PHE A 47 -15.34 -31.95 -38.10
N THR A 48 -16.59 -32.26 -38.38
CA THR A 48 -17.67 -31.34 -38.06
C THR A 48 -18.47 -31.82 -36.90
N LEU A 49 -18.85 -30.87 -36.05
CA LEU A 49 -19.63 -31.14 -34.86
C LEU A 49 -20.73 -30.09 -34.81
N TYR A 50 -21.96 -30.51 -34.52
CA TYR A 50 -22.99 -29.54 -34.08
C TYR A 50 -23.16 -29.67 -32.58
N VAL A 51 -22.86 -28.61 -31.85
CA VAL A 51 -23.17 -28.63 -30.44
C VAL A 51 -24.27 -27.61 -30.11
N GLY A 52 -25.44 -28.16 -29.80
CA GLY A 52 -26.67 -27.40 -29.91
C GLY A 52 -26.79 -27.07 -31.37
N SER A 53 -27.03 -25.83 -31.68
CA SER A 53 -27.29 -25.57 -33.07
C SER A 53 -26.11 -24.87 -33.73
N GLN A 54 -25.06 -24.61 -32.94
CA GLN A 54 -23.82 -24.05 -33.49
C GLN A 54 -23.00 -25.10 -34.18
N ARG A 55 -22.68 -24.83 -35.44
CA ARG A 55 -21.80 -25.70 -36.23
C ARG A 55 -20.34 -25.40 -35.96
N MET A 56 -19.56 -26.47 -35.87
CA MET A 56 -18.18 -26.45 -35.35
C MET A 56 -17.33 -27.35 -36.23
N VAL A 57 -16.18 -26.83 -36.65
CA VAL A 57 -15.12 -27.67 -37.25
C VAL A 57 -13.92 -27.78 -36.28
N VAL A 58 -13.45 -29.01 -36.07
CA VAL A 58 -12.39 -29.24 -35.12
C VAL A 58 -11.16 -29.69 -35.89
N MET A 59 -10.01 -29.06 -35.67
CA MET A 59 -8.74 -29.53 -36.20
C MET A 59 -7.90 -30.13 -35.10
N HIS A 60 -7.38 -31.32 -35.35
CA HIS A 60 -6.69 -32.12 -34.36
C HIS A 60 -5.39 -32.61 -34.97
N GLY A 61 -4.27 -32.38 -34.29
CA GLY A 61 -2.97 -32.84 -34.74
C GLY A 61 -2.21 -31.65 -35.25
N TYR A 62 -0.91 -31.73 -35.32
CA TYR A 62 -0.18 -30.56 -35.72
C TYR A 62 -0.32 -30.13 -37.19
N LYS A 63 -0.43 -31.07 -38.13
CA LYS A 63 -0.54 -30.63 -39.53
C LYS A 63 -1.81 -29.82 -39.74
N ALA A 64 -2.97 -30.39 -39.38
CA ALA A 64 -4.21 -29.64 -39.43
C ALA A 64 -4.24 -28.36 -38.54
N VAL A 65 -3.77 -28.43 -37.29
CA VAL A 65 -3.77 -27.24 -36.49
C VAL A 65 -2.87 -26.14 -37.10
N LYS A 66 -1.64 -26.44 -37.45
CA LYS A 66 -0.80 -25.47 -38.20
C LYS A 66 -1.45 -24.81 -39.45
N GLU A 67 -1.85 -25.61 -40.43
CA GLU A 67 -2.56 -25.12 -41.63
C GLU A 67 -3.67 -24.13 -41.32
N ALA A 68 -4.42 -24.38 -40.24
CA ALA A 68 -5.63 -23.63 -39.94
C ALA A 68 -5.22 -22.30 -39.34
N LEU A 69 -4.25 -22.38 -38.44
CA LEU A 69 -3.76 -21.21 -37.77
C LEU A 69 -2.79 -20.37 -38.61
N LEU A 70 -1.99 -21.02 -39.46
CA LEU A 70 -0.93 -20.36 -40.18
C LEU A 70 -1.17 -20.17 -41.68
N ASP A 71 -1.77 -21.15 -42.34
CA ASP A 71 -2.07 -21.03 -43.77
C ASP A 71 -3.32 -20.21 -44.03
N TYR A 72 -4.33 -20.39 -43.18
CA TYR A 72 -5.61 -19.70 -43.34
C TYR A 72 -5.75 -18.64 -42.26
N LYS A 73 -4.75 -17.74 -42.21
CA LYS A 73 -4.65 -16.83 -41.08
C LYS A 73 -5.64 -15.68 -41.10
N ASP A 74 -6.37 -15.47 -42.21
CA ASP A 74 -7.41 -14.42 -42.24
C ASP A 74 -8.85 -14.93 -42.35
N GLU A 75 -8.97 -16.15 -42.81
CA GLU A 75 -10.26 -16.79 -42.89
C GLU A 75 -10.66 -17.33 -41.52
N PHE A 76 -9.69 -17.64 -40.68
CA PHE A 76 -9.94 -18.19 -39.34
C PHE A 76 -9.47 -17.26 -38.19
N SER A 77 -9.50 -15.94 -38.43
CA SER A 77 -9.11 -14.99 -37.37
C SER A 77 -10.30 -14.36 -36.64
N GLY A 78 -11.50 -14.83 -36.96
CA GLY A 78 -12.66 -14.62 -36.10
C GLY A 78 -12.52 -15.26 -34.71
N ARG A 79 -13.21 -14.67 -33.74
CA ARG A 79 -13.35 -15.19 -32.37
C ARG A 79 -14.76 -15.78 -32.17
N GLY A 80 -14.84 -17.10 -32.00
CA GLY A 80 -16.11 -17.74 -31.66
C GLY A 80 -16.74 -17.09 -30.44
N ASP A 81 -18.07 -17.07 -30.39
CA ASP A 81 -18.75 -16.49 -29.23
C ASP A 81 -18.55 -17.39 -27.97
N LEU A 82 -18.82 -16.80 -26.82
CA LEU A 82 -18.54 -17.34 -25.52
C LEU A 82 -19.43 -16.58 -24.48
N PRO A 83 -20.71 -16.98 -24.40
CA PRO A 83 -21.81 -16.38 -23.66
C PRO A 83 -21.47 -15.82 -22.28
N ALA A 84 -20.61 -16.53 -21.54
CA ALA A 84 -20.34 -16.17 -20.16
C ALA A 84 -19.65 -14.84 -20.19
N PHE A 85 -19.12 -14.51 -21.36
CA PHE A 85 -18.33 -13.33 -21.51
C PHE A 85 -19.01 -12.33 -22.43
N HIS A 86 -20.34 -12.32 -22.41
CA HIS A 86 -21.07 -11.34 -23.21
C HIS A 86 -20.71 -9.89 -22.84
N ALA A 87 -20.57 -9.59 -21.55
CA ALA A 87 -20.11 -8.27 -21.15
C ALA A 87 -18.82 -7.77 -21.85
N HIS A 88 -18.03 -8.67 -22.47
CA HIS A 88 -16.82 -8.29 -23.25
C HIS A 88 -16.97 -8.44 -24.75
N ARG A 89 -18.02 -9.13 -25.18
CA ARG A 89 -18.16 -9.47 -26.58
C ARG A 89 -18.06 -8.24 -27.52
N ASP A 90 -17.28 -8.41 -28.57
CA ASP A 90 -17.08 -7.43 -29.65
C ASP A 90 -16.45 -6.13 -29.22
N ARG A 91 -15.77 -6.20 -28.09
CA ARG A 91 -14.99 -5.11 -27.60
C ARG A 91 -13.70 -5.74 -27.05
N GLY A 92 -12.78 -4.91 -26.58
CA GLY A 92 -11.48 -5.41 -26.09
C GLY A 92 -10.68 -6.21 -27.10
N ILE A 93 -9.99 -7.25 -26.64
CA ILE A 93 -9.24 -8.09 -27.56
C ILE A 93 -9.67 -9.54 -27.54
N ILE A 94 -9.86 -10.12 -26.36
CA ILE A 94 -10.06 -11.55 -26.28
C ILE A 94 -11.37 -11.98 -26.97
N PHE A 95 -12.42 -11.19 -26.84
CA PHE A 95 -13.69 -11.64 -27.31
C PHE A 95 -14.33 -10.78 -28.37
N ASN A 96 -13.61 -9.83 -29.00
CA ASN A 96 -14.19 -9.29 -30.26
C ASN A 96 -13.82 -9.98 -31.51
N ASN A 97 -14.93 -10.32 -32.17
CA ASN A 97 -15.05 -10.87 -33.49
C ASN A 97 -15.52 -9.72 -34.35
N GLY A 98 -15.43 -8.49 -33.85
CA GLY A 98 -16.00 -7.31 -34.53
C GLY A 98 -15.03 -6.48 -35.37
N PRO A 99 -15.41 -5.31 -35.81
CA PRO A 99 -14.58 -4.52 -36.70
C PRO A 99 -13.37 -3.83 -36.08
N THR A 100 -13.10 -4.11 -34.83
CA THR A 100 -12.67 -3.09 -33.96
C THR A 100 -11.54 -3.71 -33.24
N TRP A 101 -11.46 -5.00 -33.48
CA TRP A 101 -10.42 -5.88 -32.89
C TRP A 101 -9.00 -5.61 -33.44
N LYS A 102 -8.90 -5.45 -34.76
CA LYS A 102 -7.60 -5.46 -35.40
C LYS A 102 -6.65 -4.41 -34.82
N ASP A 103 -7.15 -3.18 -34.73
CA ASP A 103 -6.37 -2.02 -34.26
C ASP A 103 -6.22 -1.95 -32.75
N ILE A 104 -7.29 -2.30 -32.02
CA ILE A 104 -7.18 -2.35 -30.58
C ILE A 104 -6.11 -3.37 -30.26
N ARG A 105 -6.17 -4.54 -30.91
CA ARG A 105 -5.09 -5.50 -30.74
C ARG A 105 -3.72 -4.91 -31.10
N ARG A 106 -3.55 -4.46 -32.34
CA ARG A 106 -2.25 -3.89 -32.76
C ARG A 106 -1.69 -2.84 -31.80
N PHE A 107 -2.51 -1.86 -31.48
CA PHE A 107 -2.07 -0.83 -30.59
C PHE A 107 -1.65 -1.40 -29.25
N SER A 108 -2.54 -2.18 -28.65
CA SER A 108 -2.22 -2.94 -27.43
C SER A 108 -0.85 -3.67 -27.48
N LEU A 109 -0.57 -4.33 -28.60
CA LEU A 109 0.74 -4.99 -28.79
C LEU A 109 1.92 -4.03 -28.73
N THR A 110 1.89 -2.95 -29.49
CA THR A 110 2.97 -1.98 -29.43
C THR A 110 3.17 -1.48 -27.99
N THR A 111 2.07 -1.08 -27.35
CA THR A 111 2.16 -0.54 -26.01
C THR A 111 2.90 -1.48 -25.04
N LEU A 112 2.51 -2.76 -25.01
CA LEU A 112 3.24 -3.75 -24.20
C LEU A 112 4.76 -3.87 -24.56
N ARG A 113 5.09 -3.97 -25.85
CA ARG A 113 6.49 -3.93 -26.30
C ARG A 113 7.25 -2.76 -25.68
N ASN A 114 6.64 -1.56 -25.74
CA ASN A 114 7.25 -0.33 -25.20
C ASN A 114 7.43 -0.32 -23.69
N TYR A 115 6.44 -0.86 -22.95
CA TYR A 115 6.61 -1.10 -21.52
C TYR A 115 7.54 -2.31 -21.24
N GLY A 116 7.78 -3.12 -22.27
CA GLY A 116 8.75 -4.22 -22.16
C GLY A 116 10.18 -3.75 -22.36
N GLN A 120 14.31 0.04 -17.73
CA GLN A 120 13.00 -0.11 -17.06
C GLN A 120 12.01 -0.98 -17.87
N GLY A 121 12.47 -2.16 -18.32
CA GLY A 121 11.62 -3.08 -19.09
C GLY A 121 10.83 -4.11 -18.28
N ASN A 122 10.54 -5.22 -18.96
CA ASN A 122 9.84 -6.36 -18.36
C ASN A 122 10.72 -7.15 -17.37
N GLU A 123 12.03 -7.19 -17.63
CA GLU A 123 12.97 -7.90 -16.77
C GLU A 123 13.19 -7.20 -15.42
N SER A 124 13.12 -5.86 -15.36
CA SER A 124 13.24 -5.15 -14.07
C SER A 124 11.92 -5.34 -13.33
N ARG A 125 10.84 -5.05 -14.04
CA ARG A 125 9.53 -5.17 -13.44
C ARG A 125 9.35 -6.55 -12.73
N ILE A 126 9.62 -7.63 -13.48
CA ILE A 126 9.55 -9.00 -12.97
C ILE A 126 10.52 -9.19 -11.81
N GLN A 127 11.77 -8.78 -12.02
CA GLN A 127 12.82 -8.85 -10.99
C GLN A 127 12.49 -8.15 -9.68
N ARG A 128 11.84 -6.99 -9.78
CA ARG A 128 11.40 -6.25 -8.60
C ARG A 128 10.23 -6.90 -7.91
N GLU A 129 9.29 -7.40 -8.70
CA GLU A 129 8.25 -8.24 -8.13
C GLU A 129 8.83 -9.42 -7.32
N ALA A 130 9.78 -10.13 -7.90
CA ALA A 130 10.40 -11.29 -7.23
C ALA A 130 10.81 -11.02 -5.78
N HIS A 131 11.27 -9.80 -5.51
CA HIS A 131 11.63 -9.44 -4.17
C HIS A 131 10.41 -9.59 -3.23
N PHE A 132 9.21 -9.18 -3.66
CA PHE A 132 8.03 -9.34 -2.77
C PHE A 132 7.49 -10.74 -2.78
N LEU A 133 7.68 -11.42 -3.91
CA LEU A 133 7.34 -12.83 -3.98
C LEU A 133 8.18 -13.60 -2.97
N LEU A 134 9.49 -13.34 -2.93
CA LEU A 134 10.40 -14.11 -2.05
C LEU A 134 10.11 -13.81 -0.57
N GLU A 135 9.74 -12.55 -0.31
CA GLU A 135 9.40 -12.09 1.02
C GLU A 135 8.16 -12.80 1.58
N ALA A 136 7.08 -12.82 0.79
CA ALA A 136 5.87 -13.51 1.17
C ALA A 136 6.18 -14.98 1.46
N LEU A 137 6.99 -15.59 0.62
CA LEU A 137 7.38 -16.98 0.84
C LEU A 137 8.14 -17.17 2.16
N ARG A 138 9.11 -16.28 2.43
CA ARG A 138 9.90 -16.27 3.69
C ARG A 138 8.94 -16.22 4.86
N LYS A 139 7.91 -15.40 4.72
CA LYS A 139 6.90 -15.17 5.72
C LYS A 139 6.04 -16.39 6.09
N THR A 140 6.05 -17.43 5.26
CA THR A 140 5.29 -18.64 5.59
C THR A 140 6.01 -19.49 6.64
N GLN A 141 7.30 -19.21 6.79
CA GLN A 141 8.14 -19.81 7.83
C GLN A 141 8.14 -21.33 7.80
N GLY A 142 8.30 -21.91 6.61
CA GLY A 142 8.32 -23.35 6.46
C GLY A 142 7.06 -24.04 6.95
N GLN A 143 6.02 -23.27 7.29
CA GLN A 143 4.71 -23.85 7.56
C GLN A 143 3.94 -24.13 6.25
N PRO A 144 3.02 -25.10 6.27
CA PRO A 144 2.00 -25.33 5.22
C PRO A 144 1.17 -24.10 4.86
N PHE A 145 1.10 -23.83 3.54
CA PHE A 145 0.26 -22.77 2.96
C PHE A 145 -0.33 -23.22 1.62
N ASP A 146 -1.45 -22.59 1.23
CA ASP A 146 -1.97 -22.70 -0.14
C ASP A 146 -1.39 -21.61 -1.03
N PRO A 147 -0.55 -22.00 -1.99
CA PRO A 147 0.15 -21.06 -2.79
C PRO A 147 -0.74 -20.35 -3.76
N THR A 148 -1.94 -20.85 -3.99
CA THR A 148 -2.70 -20.23 -5.05
C THR A 148 -2.86 -18.73 -4.92
N PHE A 149 -2.96 -18.20 -3.71
CA PHE A 149 -3.02 -16.74 -3.59
C PHE A 149 -1.78 -16.11 -2.97
N LEU A 150 -0.66 -16.85 -2.98
CA LEU A 150 0.64 -16.26 -2.69
C LEU A 150 1.39 -16.06 -4.02
N ILE A 151 1.65 -17.13 -4.73
CA ILE A 151 2.39 -16.99 -5.99
C ILE A 151 1.64 -16.25 -7.11
N GLY A 152 0.31 -16.26 -7.08
CA GLY A 152 -0.51 -15.50 -8.04
C GLY A 152 -0.33 -13.98 -8.01
N CYS A 153 -0.12 -13.41 -6.82
CA CYS A 153 0.11 -11.98 -6.67
C CYS A 153 1.18 -11.42 -7.63
N ALA A 154 2.16 -12.25 -7.94
CA ALA A 154 3.34 -11.80 -8.67
C ALA A 154 3.06 -11.49 -10.13
N PRO A 155 2.49 -12.44 -10.90
CA PRO A 155 2.02 -11.99 -12.21
C PRO A 155 0.90 -10.99 -12.13
N CYS A 156 0.10 -11.02 -11.06
CA CYS A 156 -0.97 -10.00 -10.92
C CYS A 156 -0.45 -8.53 -10.83
N ASN A 157 0.53 -8.34 -9.94
CA ASN A 157 1.28 -7.08 -9.82
C ASN A 157 2.08 -6.64 -11.02
N VAL A 158 2.69 -7.58 -11.72
CA VAL A 158 3.40 -7.22 -12.93
C VAL A 158 2.44 -6.67 -13.98
N ILE A 159 1.34 -7.38 -14.26
CA ILE A 159 0.37 -6.89 -15.26
C ILE A 159 -0.17 -5.56 -14.75
N ALA A 160 -0.29 -5.45 -13.42
CA ALA A 160 -0.94 -4.29 -12.79
C ALA A 160 -0.05 -3.08 -12.80
N ASP A 161 1.25 -3.31 -12.93
CA ASP A 161 2.15 -2.20 -13.09
C ASP A 161 2.00 -1.62 -14.49
N ILE A 162 2.08 -2.46 -15.50
CA ILE A 162 1.86 -2.04 -16.89
C ILE A 162 0.52 -1.35 -17.09
N LEU A 163 -0.51 -1.88 -16.45
CA LEU A 163 -1.88 -1.47 -16.76
C LEU A 163 -2.28 -0.21 -16.00
N PHE A 164 -1.90 -0.10 -14.72
CA PHE A 164 -2.33 0.99 -13.84
C PHE A 164 -1.23 1.72 -13.06
N ARG A 165 0.03 1.44 -13.38
CA ARG A 165 1.13 1.90 -12.52
C ARG A 165 0.77 1.70 -11.03
N LYS A 166 0.08 0.59 -10.74
CA LYS A 166 -0.38 0.30 -9.38
C LYS A 166 0.45 -0.84 -8.85
N HIS A 167 0.60 -0.89 -7.54
CA HIS A 167 1.25 -2.01 -6.88
C HIS A 167 0.55 -2.35 -5.57
N PHE A 168 0.17 -3.61 -5.42
CA PHE A 168 -0.67 -4.03 -4.33
C PHE A 168 0.18 -4.74 -3.29
N ASP A 169 -0.14 -4.51 -2.03
CA ASP A 169 0.39 -5.32 -0.95
C ASP A 169 -0.28 -6.72 -0.96
N TYR A 170 0.52 -7.77 -0.81
CA TYR A 170 0.08 -9.17 -0.99
C TYR A 170 -1.16 -9.61 -0.19
N ASN A 171 -1.66 -8.76 0.70
CA ASN A 171 -2.97 -9.01 1.25
C ASN A 171 -3.86 -7.82 1.44
N ASP A 172 -3.86 -6.94 0.45
CA ASP A 172 -4.88 -5.93 0.44
C ASP A 172 -6.17 -6.61 -0.07
N GLU A 173 -7.29 -6.35 0.58
CA GLU A 173 -8.55 -7.00 0.24
C GLU A 173 -8.96 -6.99 -1.22
N LYS A 174 -8.99 -5.82 -1.88
CA LYS A 174 -9.44 -5.82 -3.28
C LYS A 174 -8.47 -6.60 -4.19
N PHE A 175 -7.19 -6.56 -3.84
CA PHE A 175 -6.21 -7.40 -4.51
C PHE A 175 -6.66 -8.86 -4.49
N LEU A 176 -6.81 -9.39 -3.26
CA LEU A 176 -7.19 -10.76 -3.06
C LEU A 176 -8.52 -11.07 -3.73
N ARG A 177 -9.42 -10.07 -3.70
CA ARG A 177 -10.73 -10.23 -4.30
C ARG A 177 -10.64 -10.40 -5.84
N LEU A 178 -9.74 -9.66 -6.46
CA LEU A 178 -9.58 -9.71 -7.91
C LEU A 178 -9.09 -11.08 -8.33
N MET A 179 -8.02 -11.50 -7.69
CA MET A 179 -7.38 -12.76 -7.97
C MET A 179 -8.37 -13.88 -7.78
N TYR A 180 -9.15 -13.76 -6.73
CA TYR A 180 -10.14 -14.74 -6.42
C TYR A 180 -11.18 -14.91 -7.53
N LEU A 181 -11.60 -13.79 -8.10
CA LEU A 181 -12.53 -13.78 -9.19
C LEU A 181 -11.92 -14.32 -10.51
N PHE A 182 -10.69 -13.91 -10.81
CA PHE A 182 -10.02 -14.48 -11.96
C PHE A 182 -10.06 -16.01 -11.84
N ASN A 183 -9.68 -16.48 -10.64
CA ASN A 183 -9.49 -17.88 -10.33
C ASN A 183 -10.78 -18.65 -10.36
N GLU A 184 -11.83 -18.13 -9.74
CA GLU A 184 -13.15 -18.73 -9.86
C GLU A 184 -13.62 -18.80 -11.35
N ASN A 185 -13.42 -17.74 -12.10
CA ASN A 185 -13.81 -17.75 -13.53
C ASN A 185 -13.09 -18.83 -14.39
N PHE A 186 -11.77 -18.93 -14.19
CA PHE A 186 -11.01 -19.94 -14.89
C PHE A 186 -11.43 -21.34 -14.42
N HIS A 187 -11.65 -21.49 -13.13
CA HIS A 187 -12.17 -22.76 -12.59
C HIS A 187 -13.57 -23.09 -13.22
N LEU A 188 -14.50 -22.14 -13.14
CA LEU A 188 -15.89 -22.44 -13.44
C LEU A 188 -16.06 -22.71 -14.89
N LEU A 189 -15.25 -22.03 -15.68
CA LEU A 189 -15.33 -22.11 -17.13
C LEU A 189 -14.75 -23.43 -17.62
N SER A 190 -14.19 -24.19 -16.68
CA SER A 190 -13.60 -25.48 -16.96
C SER A 190 -14.55 -26.60 -16.44
N THR A 191 -15.77 -26.25 -16.04
CA THR A 191 -16.69 -27.26 -15.53
C THR A 191 -17.82 -27.67 -16.52
N PRO A 192 -18.33 -28.87 -16.36
CA PRO A 192 -19.40 -29.27 -17.24
C PRO A 192 -20.49 -28.20 -17.46
N TRP A 193 -21.06 -27.68 -16.39
CA TRP A 193 -22.27 -26.91 -16.51
C TRP A 193 -21.92 -25.73 -17.37
N LEU A 194 -20.72 -25.17 -17.18
CA LEU A 194 -20.35 -24.04 -18.03
C LEU A 194 -20.11 -24.41 -19.48
N GLN A 195 -19.94 -25.69 -19.82
CA GLN A 195 -19.69 -26.07 -21.21
C GLN A 195 -21.00 -26.15 -21.89
N LEU A 196 -22.00 -26.65 -21.17
CA LEU A 196 -23.35 -26.75 -21.69
C LEU A 196 -23.82 -25.31 -21.88
N TYR A 197 -23.69 -24.50 -20.85
CA TYR A 197 -24.28 -23.20 -20.95
C TYR A 197 -23.61 -22.47 -22.09
N ASN A 198 -22.30 -22.47 -22.12
CA ASN A 198 -21.68 -21.77 -23.23
C ASN A 198 -22.23 -22.21 -24.63
N ASN A 199 -22.76 -23.42 -24.75
CA ASN A 199 -23.39 -23.83 -26.04
C ASN A 199 -24.91 -23.80 -26.14
N PHE A 200 -25.60 -23.60 -25.03
CA PHE A 200 -27.06 -23.53 -25.06
C PHE A 200 -27.59 -22.35 -24.25
N PRO A 201 -27.05 -21.13 -24.51
CA PRO A 201 -27.20 -19.96 -23.64
C PRO A 201 -28.64 -19.47 -23.53
N SER A 202 -29.38 -19.45 -24.63
CA SER A 202 -30.77 -19.00 -24.53
C SER A 202 -31.67 -19.95 -23.74
N PHE A 203 -31.47 -21.27 -23.90
CA PHE A 203 -32.23 -22.30 -23.15
C PHE A 203 -31.99 -22.19 -21.65
N LEU A 204 -30.80 -21.74 -21.29
CA LEU A 204 -30.28 -22.01 -19.96
C LEU A 204 -29.95 -20.78 -19.12
N HIS A 205 -29.83 -19.61 -19.74
CA HIS A 205 -29.41 -18.38 -19.08
C HIS A 205 -30.25 -17.94 -17.93
N TYR A 206 -31.54 -18.26 -17.92
CA TYR A 206 -32.33 -17.76 -16.80
C TYR A 206 -32.78 -18.89 -15.95
N LEU A 207 -32.02 -19.97 -15.96
CA LEU A 207 -32.19 -20.92 -14.89
C LEU A 207 -31.14 -20.65 -13.82
N PRO A 208 -31.35 -21.15 -12.60
CA PRO A 208 -30.21 -20.99 -11.68
C PRO A 208 -29.00 -21.77 -12.13
N GLY A 209 -27.85 -21.36 -11.61
CA GLY A 209 -26.62 -22.06 -11.85
C GLY A 209 -25.35 -21.22 -11.93
N SER A 210 -24.30 -22.01 -11.98
CA SER A 210 -22.92 -21.67 -12.09
C SER A 210 -22.59 -20.56 -13.09
N HIS A 211 -23.26 -20.55 -14.23
CA HIS A 211 -23.03 -19.48 -15.23
C HIS A 211 -23.24 -18.08 -14.63
N ARG A 212 -24.19 -17.96 -13.71
CA ARG A 212 -24.50 -16.68 -13.07
C ARG A 212 -23.40 -16.12 -12.23
N LYS A 213 -22.73 -17.01 -11.54
CA LYS A 213 -21.59 -16.65 -10.74
C LYS A 213 -20.48 -16.07 -11.70
N VAL A 214 -20.32 -16.71 -12.85
CA VAL A 214 -19.27 -16.32 -13.76
C VAL A 214 -19.60 -14.95 -14.29
N ILE A 215 -20.86 -14.79 -14.69
CA ILE A 215 -21.35 -13.50 -15.19
C ILE A 215 -21.22 -12.40 -14.11
N LYS A 216 -21.69 -12.70 -12.92
CA LYS A 216 -21.51 -11.73 -11.85
C LYS A 216 -20.02 -11.39 -11.55
N ASN A 217 -19.13 -12.37 -11.68
CA ASN A 217 -17.70 -12.14 -11.52
C ASN A 217 -17.15 -11.27 -12.66
N VAL A 218 -17.59 -11.55 -13.88
CA VAL A 218 -17.16 -10.76 -15.05
C VAL A 218 -17.50 -9.29 -14.86
N ALA A 219 -18.77 -9.03 -14.56
CA ALA A 219 -19.30 -7.67 -14.24
C ALA A 219 -18.48 -6.97 -13.13
N GLU A 220 -18.28 -7.64 -12.00
CA GLU A 220 -17.48 -7.13 -10.89
C GLU A 220 -16.06 -6.75 -11.30
N VAL A 221 -15.37 -7.64 -12.01
CA VAL A 221 -14.07 -7.27 -12.58
C VAL A 221 -14.17 -6.01 -13.46
N LYS A 222 -15.18 -5.96 -14.34
CA LYS A 222 -15.40 -4.71 -15.09
C LYS A 222 -15.60 -3.47 -14.20
N GLU A 223 -16.53 -3.51 -13.24
CA GLU A 223 -16.69 -2.34 -12.38
C GLU A 223 -15.33 -1.87 -11.86
N TYR A 224 -14.47 -2.78 -11.39
CA TYR A 224 -13.21 -2.34 -10.80
C TYR A 224 -12.26 -1.77 -11.86
N VAL A 225 -12.37 -2.27 -13.07
CA VAL A 225 -11.53 -1.72 -14.10
C VAL A 225 -12.11 -0.37 -14.46
N SER A 226 -13.38 -0.37 -14.84
CA SER A 226 -14.15 0.85 -15.14
C SER A 226 -13.74 2.06 -14.31
N GLU A 227 -13.74 1.91 -12.99
CA GLU A 227 -13.38 2.98 -12.09
C GLU A 227 -11.94 3.42 -12.29
N ARG A 228 -10.99 2.49 -12.15
CA ARG A 228 -9.58 2.80 -12.47
C ARG A 228 -9.40 3.62 -13.75
N VAL A 229 -10.29 3.39 -14.72
CA VAL A 229 -10.29 4.04 -16.04
C VAL A 229 -10.84 5.49 -15.99
N LYS A 230 -12.00 5.64 -15.35
CA LYS A 230 -12.60 6.96 -15.12
C LYS A 230 -11.63 7.88 -14.35
N GLU A 231 -11.05 7.32 -13.29
CA GLU A 231 -9.96 7.91 -12.50
C GLU A 231 -8.71 8.33 -13.31
N HIS A 232 -8.29 7.47 -14.23
CA HIS A 232 -7.14 7.79 -15.11
C HIS A 232 -7.44 8.96 -16.05
N HIS A 233 -8.67 9.01 -16.54
CA HIS A 233 -9.14 10.05 -17.45
C HIS A 233 -9.22 11.38 -16.70
N GLN A 234 -9.97 11.37 -15.59
CA GLN A 234 -10.18 12.51 -14.69
C GLN A 234 -8.87 13.12 -14.15
N SER A 235 -7.73 12.46 -14.35
CA SER A 235 -6.44 13.10 -14.07
C SER A 235 -5.39 12.83 -15.15
N LEU A 236 -5.89 12.55 -16.36
CA LEU A 236 -5.04 12.35 -17.53
C LEU A 236 -4.22 13.59 -17.87
N ASP A 237 -2.97 13.36 -18.27
CA ASP A 237 -2.09 14.38 -18.78
C ASP A 237 -1.47 13.79 -20.06
N PRO A 238 -1.92 14.24 -21.25
CA PRO A 238 -1.45 13.60 -22.49
C PRO A 238 0.09 13.64 -22.76
N ASN A 239 0.81 14.61 -22.17
CA ASN A 239 2.29 14.62 -22.19
C ASN A 239 2.85 13.46 -21.37
N CYS A 240 2.08 13.04 -20.37
CA CYS A 240 2.44 11.94 -19.45
C CYS A 240 1.52 10.71 -19.40
N PRO A 241 1.69 9.78 -20.35
CA PRO A 241 1.18 8.44 -20.12
C PRO A 241 1.93 7.77 -18.94
N ARG A 242 1.25 7.57 -17.81
CA ARG A 242 1.85 6.90 -16.65
C ARG A 242 1.83 5.38 -16.80
N ASP A 243 1.01 4.88 -17.72
CA ASP A 243 0.77 3.45 -17.90
C ASP A 243 0.01 3.14 -19.20
N LEU A 244 -0.51 1.92 -19.29
CA LEU A 244 -1.13 1.44 -20.52
C LEU A 244 -2.54 1.97 -20.67
N THR A 245 -3.27 2.05 -19.57
CA THR A 245 -4.63 2.59 -19.62
C THR A 245 -4.60 4.09 -19.95
N ASP A 246 -3.49 4.76 -19.59
CA ASP A 246 -3.19 6.10 -20.13
C ASP A 246 -3.09 6.10 -21.68
N CYS A 247 -2.25 5.24 -22.26
CA CYS A 247 -1.99 5.27 -23.72
C CYS A 247 -3.24 5.05 -24.55
N LEU A 248 -4.18 4.28 -23.99
CA LEU A 248 -5.44 3.98 -24.68
C LEU A 248 -6.30 5.21 -24.60
N LEU A 249 -6.32 5.81 -23.40
CA LEU A 249 -7.05 7.05 -23.15
C LEU A 249 -6.65 8.16 -24.12
N VAL A 250 -5.33 8.36 -24.23
CA VAL A 250 -4.77 9.32 -25.19
C VAL A 250 -5.26 9.00 -26.62
N GLU A 251 -5.20 7.73 -26.98
CA GLU A 251 -5.63 7.31 -28.29
C GLU A 251 -7.13 7.65 -28.53
N MET A 252 -7.86 7.95 -27.45
CA MET A 252 -9.28 8.22 -27.53
C MET A 252 -9.55 9.72 -27.60
N GLU A 253 -8.65 10.49 -27.00
CA GLU A 253 -8.71 11.95 -27.07
C GLU A 253 -8.34 12.45 -28.46
N LYS A 254 -7.43 11.73 -29.13
CA LYS A 254 -7.07 12.01 -30.53
C LYS A 254 -8.26 12.02 -31.47
N GLU A 255 -9.04 10.94 -31.44
CA GLU A 255 -10.03 10.71 -32.48
C GLU A 255 -11.43 11.13 -32.08
N LYS A 256 -11.54 11.94 -31.02
CA LYS A 256 -12.85 12.40 -30.51
C LYS A 256 -13.69 13.18 -31.55
N HIS A 257 -13.02 13.82 -32.51
CA HIS A 257 -13.68 14.61 -33.58
C HIS A 257 -14.29 13.75 -34.71
N SER A 258 -13.64 12.62 -35.01
CA SER A 258 -14.10 11.61 -35.99
C SER A 258 -15.53 11.05 -35.78
N ALA A 259 -16.17 10.69 -36.89
CA ALA A 259 -17.48 10.02 -36.89
C ALA A 259 -17.28 8.52 -36.66
N GLU A 260 -16.21 7.98 -37.23
CA GLU A 260 -15.78 6.62 -36.93
C GLU A 260 -14.79 6.60 -35.72
N ARG A 261 -15.32 6.24 -34.56
CA ARG A 261 -14.49 6.11 -33.39
C ARG A 261 -14.33 4.66 -33.12
N LEU A 262 -13.14 4.26 -32.71
CA LEU A 262 -12.96 2.95 -32.14
C LEU A 262 -12.24 3.05 -30.83
N TYR A 263 -12.90 3.58 -29.85
CA TYR A 263 -12.42 3.56 -28.51
C TYR A 263 -13.69 4.03 -27.87
N THR A 264 -13.95 3.51 -26.68
CA THR A 264 -15.18 3.81 -25.95
C THR A 264 -14.59 3.58 -24.59
N MET A 265 -15.03 4.39 -23.64
CA MET A 265 -14.85 4.13 -22.23
C MET A 265 -15.18 2.69 -21.86
N ASP A 266 -16.27 2.15 -22.40
CA ASP A 266 -16.62 0.74 -22.20
C ASP A 266 -15.63 -0.21 -22.90
N GLY A 267 -15.34 0.06 -24.17
CA GLY A 267 -14.27 -0.66 -24.88
C GLY A 267 -12.91 -0.70 -24.19
N ILE A 268 -12.59 0.33 -23.40
CA ILE A 268 -11.25 0.44 -22.83
C ILE A 268 -11.18 -0.37 -21.56
N THR A 269 -12.25 -0.32 -20.77
CA THR A 269 -12.42 -1.21 -19.62
C THR A 269 -12.37 -2.70 -20.06
N VAL A 270 -13.12 -3.10 -21.09
CA VAL A 270 -12.95 -4.43 -21.65
C VAL A 270 -11.47 -4.72 -22.02
N THR A 271 -10.80 -3.78 -22.67
CA THR A 271 -9.47 -4.03 -23.15
C THR A 271 -8.55 -4.31 -21.98
N VAL A 272 -8.74 -3.51 -20.95
CA VAL A 272 -7.90 -3.59 -19.81
C VAL A 272 -8.29 -4.81 -18.98
N ALA A 273 -9.60 -4.98 -18.72
CA ALA A 273 -10.15 -6.14 -18.00
C ALA A 273 -9.54 -7.43 -18.57
N ASP A 274 -9.60 -7.55 -19.91
CA ASP A 274 -8.94 -8.59 -20.68
C ASP A 274 -7.50 -8.79 -20.30
N LEU A 275 -6.72 -7.73 -20.35
CA LEU A 275 -5.29 -7.87 -20.17
C LEU A 275 -5.05 -8.27 -18.73
N PHE A 276 -5.94 -7.82 -17.86
CA PHE A 276 -5.75 -8.04 -16.42
C PHE A 276 -5.93 -9.54 -16.10
N PHE A 277 -7.06 -10.07 -16.55
CA PHE A 277 -7.44 -11.42 -16.35
C PHE A 277 -6.39 -12.35 -16.98
N ALA A 278 -6.16 -12.16 -18.26
CA ALA A 278 -5.28 -13.02 -18.99
C ALA A 278 -3.87 -12.90 -18.47
N GLY A 279 -3.52 -11.72 -17.98
CA GLY A 279 -2.16 -11.41 -17.62
C GLY A 279 -1.92 -11.91 -16.24
N THR A 280 -2.99 -12.17 -15.51
CA THR A 280 -2.86 -12.74 -14.19
C THR A 280 -3.04 -14.26 -14.14
N GLU A 281 -4.01 -14.81 -14.85
CA GLU A 281 -4.43 -16.14 -14.43
C GLU A 281 -3.72 -17.30 -15.09
N THR A 282 -3.49 -17.21 -16.38
CA THR A 282 -2.80 -18.32 -17.01
C THR A 282 -1.39 -18.48 -16.45
N THR A 283 -0.72 -17.37 -16.17
CA THR A 283 0.65 -17.43 -15.62
C THR A 283 0.64 -17.97 -14.19
N SER A 284 -0.24 -17.46 -13.35
CA SER A 284 -0.34 -18.01 -12.01
C SER A 284 -0.52 -19.54 -12.03
N THR A 285 -1.55 -20.00 -12.75
CA THR A 285 -1.84 -21.42 -12.81
C THR A 285 -0.60 -22.29 -13.20
N THR A 286 0.07 -21.85 -14.25
CA THR A 286 1.22 -22.55 -14.80
C THR A 286 2.31 -22.70 -13.75
N LEU A 287 2.65 -21.60 -13.10
CA LEU A 287 3.59 -21.66 -11.97
C LEU A 287 3.12 -22.57 -10.86
N ARG A 288 1.83 -22.49 -10.53
CA ARG A 288 1.34 -23.29 -9.43
C ARG A 288 1.35 -24.77 -9.82
N TYR A 289 1.01 -25.04 -11.09
CA TYR A 289 1.15 -26.42 -11.64
C TYR A 289 2.62 -26.88 -11.55
N GLY A 290 3.52 -25.96 -11.90
CA GLY A 290 4.97 -26.28 -11.89
C GLY A 290 5.47 -26.78 -10.53
N LEU A 291 4.99 -26.12 -9.48
CA LEU A 291 5.52 -26.40 -8.17
C LEU A 291 5.08 -27.81 -7.78
N LEU A 292 3.80 -28.12 -8.04
CA LEU A 292 3.27 -29.49 -7.89
C LEU A 292 4.04 -30.53 -8.73
N ILE A 293 4.42 -30.17 -9.94
CA ILE A 293 5.12 -31.13 -10.76
C ILE A 293 6.52 -31.39 -10.18
N LEU A 294 7.22 -30.33 -9.79
CA LEU A 294 8.61 -30.42 -9.30
C LEU A 294 8.64 -31.14 -7.99
N MET A 295 7.57 -31.02 -7.22
CA MET A 295 7.43 -31.76 -6.00
C MET A 295 7.17 -33.26 -6.21
N LYS A 296 6.58 -33.66 -7.35
CA LYS A 296 6.41 -35.07 -7.65
C LYS A 296 7.75 -35.75 -8.03
N TYR A 297 8.66 -34.94 -8.55
CA TYR A 297 9.95 -35.41 -9.08
C TYR A 297 11.07 -34.70 -8.36
N PRO A 298 11.38 -35.16 -7.15
CA PRO A 298 12.42 -34.50 -6.36
C PRO A 298 13.79 -34.47 -7.09
N GLU A 299 14.10 -35.51 -7.86
CA GLU A 299 15.32 -35.51 -8.64
C GLU A 299 15.39 -34.42 -9.69
N ILE A 300 14.25 -34.07 -10.26
CA ILE A 300 14.23 -32.96 -11.20
C ILE A 300 14.46 -31.64 -10.47
N GLU A 301 13.86 -31.48 -9.29
CA GLU A 301 14.11 -30.28 -8.51
C GLU A 301 15.57 -30.18 -8.20
N GLU A 302 16.16 -31.34 -7.88
CA GLU A 302 17.53 -31.37 -7.41
C GLU A 302 18.47 -30.87 -8.51
N LYS A 303 18.35 -31.46 -9.70
CA LYS A 303 19.12 -31.05 -10.87
C LYS A 303 18.96 -29.59 -11.08
N LEU A 304 17.75 -29.10 -10.91
CA LEU A 304 17.50 -27.68 -11.02
C LEU A 304 18.31 -26.88 -10.01
N HIS A 305 18.22 -27.24 -8.73
CA HIS A 305 18.95 -26.53 -7.67
C HIS A 305 20.45 -26.40 -7.91
N GLU A 306 21.08 -27.47 -8.40
CA GLU A 306 22.53 -27.43 -8.60
C GLU A 306 22.92 -26.54 -9.81
N GLU A 307 22.06 -26.56 -10.82
CA GLU A 307 22.21 -25.68 -11.98
C GLU A 307 22.10 -24.19 -11.62
N ILE A 308 21.17 -23.84 -10.75
CA ILE A 308 21.03 -22.41 -10.39
C ILE A 308 22.29 -21.93 -9.69
N ASP A 309 22.65 -22.64 -8.63
CA ASP A 309 23.87 -22.42 -7.88
C ASP A 309 25.10 -22.30 -8.77
N ARG A 310 25.38 -23.32 -9.58
CA ARG A 310 26.46 -23.23 -10.58
C ARG A 310 26.47 -21.93 -11.40
N VAL A 311 25.31 -21.51 -11.93
CA VAL A 311 25.27 -20.47 -12.96
C VAL A 311 25.01 -19.07 -12.43
N ILE A 312 24.33 -18.99 -11.28
CA ILE A 312 23.81 -17.74 -10.73
C ILE A 312 24.24 -17.62 -9.27
N GLY A 313 24.35 -18.77 -8.60
CA GLY A 313 24.82 -18.78 -7.22
C GLY A 313 23.74 -18.32 -6.30
N PRO A 314 23.98 -18.43 -4.99
CA PRO A 314 22.89 -18.23 -4.05
C PRO A 314 22.39 -16.80 -3.95
N SER A 315 22.92 -15.87 -4.72
CA SER A 315 22.61 -14.50 -4.35
C SER A 315 22.05 -13.60 -5.44
N ARG A 316 22.75 -13.62 -6.56
CA ARG A 316 22.53 -12.69 -7.63
C ARG A 316 21.14 -12.94 -8.21
N ILE A 317 20.30 -11.90 -8.32
CA ILE A 317 18.95 -12.09 -8.86
C ILE A 317 19.03 -12.58 -10.32
N PRO A 318 18.22 -13.62 -10.65
CA PRO A 318 18.18 -14.18 -12.00
C PRO A 318 17.82 -13.12 -13.02
N ALA A 319 18.12 -13.43 -14.28
CA ALA A 319 18.03 -12.49 -15.37
C ALA A 319 17.95 -13.25 -16.68
N ILE A 320 17.22 -12.72 -17.66
CA ILE A 320 17.04 -13.48 -18.88
C ILE A 320 18.29 -13.94 -19.60
N LYS A 321 19.43 -13.31 -19.36
CA LYS A 321 20.62 -13.75 -20.05
C LYS A 321 20.97 -15.13 -19.53
N ASP A 322 20.76 -15.35 -18.21
CA ASP A 322 21.08 -16.64 -17.55
C ASP A 322 20.48 -17.86 -18.24
N ARG A 323 19.38 -17.68 -18.98
CA ARG A 323 18.71 -18.77 -19.71
C ARG A 323 19.63 -19.56 -20.64
N GLN A 324 20.31 -18.86 -21.54
CA GLN A 324 21.11 -19.50 -22.58
C GLN A 324 22.24 -20.34 -21.99
N GLU A 325 22.51 -20.17 -20.71
CA GLU A 325 23.44 -21.05 -20.03
C GLU A 325 22.75 -21.96 -19.00
N MET A 326 21.41 -21.96 -18.98
CA MET A 326 20.67 -22.88 -18.10
C MET A 326 19.76 -23.84 -18.90
N PRO A 327 20.37 -24.80 -19.64
CA PRO A 327 19.52 -25.63 -20.50
C PRO A 327 18.54 -26.54 -19.75
N TYR A 328 18.82 -26.92 -18.50
CA TYR A 328 17.90 -27.81 -17.77
C TYR A 328 16.62 -27.02 -17.46
N MET A 329 16.73 -25.96 -16.68
CA MET A 329 15.65 -25.02 -16.43
C MET A 329 14.78 -24.59 -17.64
N ASP A 330 15.43 -24.19 -18.72
CA ASP A 330 14.71 -23.84 -19.94
C ASP A 330 13.88 -25.04 -20.44
N ALA A 331 14.38 -26.25 -20.24
CA ALA A 331 13.68 -27.45 -20.67
C ALA A 331 12.49 -27.68 -19.76
N VAL A 332 12.68 -27.36 -18.49
CA VAL A 332 11.69 -27.59 -17.47
C VAL A 332 10.58 -26.58 -17.70
N VAL A 333 10.95 -25.31 -17.81
CA VAL A 333 9.97 -24.27 -18.01
C VAL A 333 9.07 -24.61 -19.19
N HIS A 334 9.62 -25.13 -20.27
CA HIS A 334 8.80 -25.56 -21.41
C HIS A 334 8.01 -26.84 -21.16
N GLU A 335 8.58 -27.77 -20.43
CA GLU A 335 7.93 -29.02 -20.28
C GLU A 335 6.71 -28.84 -19.38
N ILE A 336 6.81 -28.01 -18.35
CA ILE A 336 5.64 -27.62 -17.59
C ILE A 336 4.51 -27.08 -18.52
N GLN A 337 4.85 -26.26 -19.52
CA GLN A 337 3.75 -25.68 -20.33
C GLN A 337 3.18 -26.70 -21.27
N ARG A 338 4.03 -27.63 -21.72
CA ARG A 338 3.63 -28.68 -22.63
C ARG A 338 2.74 -29.72 -21.90
N PHE A 339 3.25 -30.27 -20.81
CA PHE A 339 2.56 -31.28 -20.04
C PHE A 339 1.13 -30.90 -19.56
N ILE A 340 0.93 -29.66 -19.16
CA ILE A 340 -0.32 -29.26 -18.55
C ILE A 340 -1.40 -28.79 -19.51
N THR A 341 -1.00 -28.45 -20.74
CA THR A 341 -1.94 -28.00 -21.81
C THR A 341 -3.04 -27.11 -21.24
N LEU A 342 -2.61 -26.02 -20.66
CA LEU A 342 -3.45 -25.15 -19.87
C LEU A 342 -4.73 -24.70 -20.57
N VAL A 343 -4.66 -24.36 -21.86
CA VAL A 343 -5.87 -24.05 -22.65
C VAL A 343 -5.98 -25.06 -23.77
N PRO A 344 -6.46 -26.24 -23.42
CA PRO A 344 -6.26 -27.35 -24.28
C PRO A 344 -7.02 -27.32 -25.62
N SER A 345 -8.14 -26.62 -25.72
CA SER A 345 -8.84 -26.55 -26.98
C SER A 345 -8.63 -25.18 -27.63
N ASN A 346 -7.56 -24.51 -27.24
CA ASN A 346 -7.37 -23.14 -27.70
C ASN A 346 -8.56 -22.29 -27.22
N LEU A 347 -8.59 -21.04 -27.65
CA LEU A 347 -9.78 -20.24 -27.58
C LEU A 347 -10.47 -20.45 -28.92
N PRO A 348 -11.82 -20.36 -28.95
CA PRO A 348 -12.41 -20.72 -30.23
C PRO A 348 -12.16 -19.63 -31.29
N HIS A 349 -11.97 -20.07 -32.54
CA HIS A 349 -11.87 -19.17 -33.67
C HIS A 349 -13.19 -19.32 -34.38
N GLU A 350 -13.48 -18.42 -35.33
CA GLU A 350 -14.54 -18.68 -36.32
C GLU A 350 -14.16 -18.16 -37.69
N ALA A 351 -14.81 -18.71 -38.71
CA ALA A 351 -14.58 -18.32 -40.08
C ALA A 351 -15.16 -16.92 -40.39
N THR A 352 -14.30 -16.04 -40.89
CA THR A 352 -14.68 -14.70 -41.30
C THR A 352 -15.29 -14.78 -42.71
N ARG A 353 -14.87 -15.78 -43.47
N ARG A 353 -14.76 -15.70 -43.52
CA ARG A 353 -15.23 -15.90 -44.88
CA ARG A 353 -15.17 -15.92 -44.92
C ARG A 353 -15.62 -17.33 -45.19
C ARG A 353 -15.72 -17.33 -45.08
N ASP A 354 -16.65 -17.52 -46.00
CA ASP A 354 -16.93 -18.85 -46.58
C ASP A 354 -15.56 -19.34 -47.05
N THR A 355 -15.04 -20.42 -46.49
CA THR A 355 -13.68 -20.91 -46.83
C THR A 355 -13.65 -22.36 -47.33
N ILE A 356 -12.68 -22.66 -48.19
CA ILE A 356 -12.38 -24.05 -48.57
C ILE A 356 -11.08 -24.53 -47.87
N PHE A 357 -11.16 -25.68 -47.21
CA PHE A 357 -10.07 -26.21 -46.41
C PHE A 357 -9.98 -27.71 -46.66
N ARG A 358 -8.86 -28.17 -47.18
CA ARG A 358 -8.73 -29.52 -47.72
C ARG A 358 -9.94 -29.92 -48.56
N GLY A 359 -10.50 -28.95 -49.29
CA GLY A 359 -11.59 -29.24 -50.18
C GLY A 359 -12.94 -29.30 -49.48
N TYR A 360 -12.96 -28.93 -48.19
CA TYR A 360 -14.22 -28.89 -47.51
C TYR A 360 -14.65 -27.46 -47.47
N LEU A 361 -15.94 -27.25 -47.61
CA LEU A 361 -16.49 -25.95 -47.38
C LEU A 361 -16.63 -25.71 -45.85
N ILE A 362 -15.98 -24.64 -45.36
CA ILE A 362 -16.28 -24.10 -44.03
C ILE A 362 -17.07 -22.78 -44.18
N PRO A 363 -18.41 -22.87 -44.08
CA PRO A 363 -19.33 -21.73 -44.10
C PRO A 363 -18.88 -20.61 -43.19
N LYS A 364 -19.04 -19.36 -43.60
CA LYS A 364 -18.78 -18.21 -42.74
C LYS A 364 -19.52 -18.34 -41.38
N GLY A 365 -18.87 -17.89 -40.31
CA GLY A 365 -19.45 -18.00 -38.95
C GLY A 365 -19.44 -19.40 -38.31
N THR A 366 -18.83 -20.36 -39.01
CA THR A 366 -18.58 -21.66 -38.40
C THR A 366 -17.50 -21.50 -37.29
N VAL A 367 -17.76 -21.99 -36.08
CA VAL A 367 -16.78 -21.91 -35.03
C VAL A 367 -15.65 -22.87 -35.48
N VAL A 368 -14.41 -22.47 -35.28
CA VAL A 368 -13.30 -23.28 -35.76
C VAL A 368 -12.38 -23.53 -34.58
N VAL A 369 -12.04 -24.80 -34.34
CA VAL A 369 -11.30 -25.14 -33.10
C VAL A 369 -9.98 -25.78 -33.36
N PRO A 370 -8.93 -24.98 -33.35
CA PRO A 370 -7.60 -25.51 -33.52
C PRO A 370 -7.02 -26.00 -32.17
N THR A 371 -7.32 -27.25 -31.92
CA THR A 371 -6.95 -28.00 -30.74
C THR A 371 -5.46 -27.89 -30.36
N LEU A 372 -5.14 -27.43 -29.15
CA LEU A 372 -3.72 -27.32 -28.77
C LEU A 372 -3.15 -28.54 -28.03
N ASP A 373 -3.95 -29.17 -27.22
CA ASP A 373 -3.50 -30.37 -26.58
C ASP A 373 -3.01 -31.39 -27.60
N SER A 374 -3.72 -31.53 -28.69
CA SER A 374 -3.39 -32.59 -29.65
C SER A 374 -2.03 -32.37 -30.31
N VAL A 375 -1.54 -31.12 -30.25
CA VAL A 375 -0.28 -30.71 -30.80
C VAL A 375 0.79 -30.95 -29.73
N LEU A 376 0.51 -30.53 -28.48
CA LEU A 376 1.49 -30.57 -27.39
C LEU A 376 1.79 -32.01 -26.95
N TYR A 377 0.92 -32.93 -27.34
CA TYR A 377 1.05 -34.33 -26.91
C TYR A 377 1.25 -35.20 -28.08
N ASP A 378 1.70 -34.63 -29.19
CA ASP A 378 2.17 -35.41 -30.32
C ASP A 378 3.11 -36.56 -29.95
N ASN A 379 2.63 -37.80 -30.08
CA ASN A 379 3.39 -39.04 -29.82
C ASN A 379 4.73 -39.04 -30.54
N GLN A 380 4.85 -38.35 -31.67
CA GLN A 380 6.10 -38.34 -32.49
C GLN A 380 7.13 -37.35 -32.01
N GLU A 381 6.80 -36.06 -31.97
CA GLU A 381 7.68 -35.08 -31.36
C GLU A 381 8.03 -35.39 -29.90
N PHE A 382 7.11 -35.94 -29.12
CA PHE A 382 7.29 -36.03 -27.69
C PHE A 382 6.97 -37.44 -27.22
N PRO A 383 7.79 -38.41 -27.61
CA PRO A 383 7.63 -39.81 -27.22
C PRO A 383 7.34 -39.90 -25.74
N ASP A 384 6.35 -40.72 -25.35
CA ASP A 384 5.68 -40.63 -24.04
C ASP A 384 5.19 -39.21 -23.66
N PRO A 385 4.26 -38.67 -24.47
CA PRO A 385 3.75 -37.34 -24.28
C PRO A 385 2.95 -37.23 -23.00
N GLU A 386 2.35 -38.33 -22.55
CA GLU A 386 1.63 -38.27 -21.28
C GLU A 386 2.57 -38.22 -20.04
N LYS A 387 3.88 -38.30 -20.22
CA LYS A 387 4.82 -38.31 -19.07
C LYS A 387 5.62 -37.02 -19.02
N PHE A 388 5.85 -36.51 -17.84
CA PHE A 388 6.61 -35.29 -17.68
C PHE A 388 8.11 -35.55 -17.78
N LYS A 389 8.73 -35.13 -18.87
CA LYS A 389 10.11 -35.41 -19.14
C LYS A 389 10.81 -34.20 -19.73
N PRO A 390 11.64 -33.52 -18.92
CA PRO A 390 12.41 -32.40 -19.45
C PRO A 390 13.20 -32.73 -20.74
N GLU A 391 13.67 -33.97 -20.89
CA GLU A 391 14.39 -34.37 -22.12
C GLU A 391 13.58 -34.24 -23.42
N HIS A 392 12.25 -34.09 -23.30
CA HIS A 392 11.39 -33.65 -24.40
C HIS A 392 11.89 -32.37 -25.05
N PHE A 393 12.66 -31.58 -24.29
CA PHE A 393 13.29 -30.35 -24.71
C PHE A 393 14.85 -30.30 -24.50
N LEU A 394 15.51 -31.46 -24.40
CA LEU A 394 16.96 -31.52 -24.33
C LEU A 394 17.43 -32.39 -25.47
N ASN A 395 18.51 -31.99 -26.15
CA ASN A 395 19.07 -32.82 -27.23
C ASN A 395 19.93 -33.86 -26.51
N GLU A 396 20.41 -34.90 -27.19
CA GLU A 396 21.23 -35.93 -26.51
C GLU A 396 22.56 -35.43 -25.93
N ASN A 397 23.06 -34.29 -26.42
CA ASN A 397 24.12 -33.59 -25.69
C ASN A 397 23.73 -32.60 -24.59
N GLY A 398 22.60 -32.82 -23.87
CA GLY A 398 22.14 -31.92 -22.79
C GLY A 398 21.71 -30.47 -23.11
N LYS A 399 21.79 -30.06 -24.36
CA LYS A 399 21.45 -28.69 -24.73
C LYS A 399 19.95 -28.50 -25.02
N PHE A 400 19.45 -27.27 -24.93
CA PHE A 400 18.05 -27.00 -25.20
C PHE A 400 17.67 -27.45 -26.58
N LYS A 401 16.52 -28.10 -26.74
CA LYS A 401 15.99 -28.44 -28.07
C LYS A 401 14.60 -27.87 -28.27
N TYR A 402 14.50 -26.96 -29.23
CA TYR A 402 13.29 -26.24 -29.58
C TYR A 402 12.41 -27.18 -30.37
N SER A 403 11.11 -26.89 -30.39
CA SER A 403 10.15 -27.67 -31.16
C SER A 403 9.09 -26.81 -31.85
N ASP A 404 8.80 -27.08 -33.09
CA ASP A 404 7.73 -26.34 -33.71
C ASP A 404 6.37 -26.63 -33.03
N TYR A 405 6.34 -27.73 -32.28
CA TYR A 405 5.15 -28.19 -31.56
C TYR A 405 4.89 -27.48 -30.22
N PHE A 406 5.85 -26.75 -29.71
CA PHE A 406 5.63 -26.02 -28.48
C PHE A 406 4.68 -24.84 -28.74
N LYS A 407 3.39 -25.14 -28.67
CA LYS A 407 2.37 -24.17 -29.09
C LYS A 407 1.33 -23.83 -28.00
N PRO A 408 1.76 -23.70 -26.73
CA PRO A 408 0.70 -23.54 -25.71
C PRO A 408 0.10 -22.13 -25.70
N PHE A 409 0.61 -21.23 -26.56
CA PHE A 409 0.10 -19.85 -26.72
C PHE A 409 -0.56 -19.74 -28.04
N SER A 410 -0.78 -20.85 -28.70
CA SER A 410 -1.32 -20.82 -30.05
C SER A 410 -0.31 -20.19 -31.02
N THR A 411 -0.80 -19.79 -32.18
CA THR A 411 0.02 -19.12 -33.19
C THR A 411 -0.87 -18.42 -34.22
N GLY A 412 -0.25 -17.66 -35.15
CA GLY A 412 -0.99 -16.97 -36.18
C GLY A 412 -1.70 -15.70 -35.73
N LYS A 413 -2.88 -15.47 -36.29
CA LYS A 413 -3.47 -14.13 -36.20
C LYS A 413 -3.91 -13.69 -34.83
N ARG A 414 -4.41 -14.63 -34.02
CA ARG A 414 -4.79 -14.35 -32.65
C ARG A 414 -3.81 -14.97 -31.58
N VAL A 415 -2.54 -15.18 -31.93
CA VAL A 415 -1.55 -15.69 -30.96
C VAL A 415 -1.66 -14.89 -29.63
N CYS A 416 -1.38 -15.51 -28.47
CA CYS A 416 -1.55 -14.82 -27.15
C CYS A 416 -0.96 -13.44 -27.32
N ALA A 417 -1.61 -12.44 -26.77
CA ALA A 417 -1.06 -11.12 -26.89
C ALA A 417 0.06 -10.93 -25.86
N GLY A 418 0.36 -11.97 -25.07
CA GLY A 418 1.18 -11.81 -23.86
C GLY A 418 2.31 -12.80 -23.76
N GLU A 419 2.50 -13.52 -24.85
CA GLU A 419 3.50 -14.56 -24.91
C GLU A 419 4.86 -14.12 -24.32
N GLY A 420 5.44 -13.02 -24.80
CA GLY A 420 6.76 -12.57 -24.31
C GLY A 420 6.78 -12.47 -22.80
N LEU A 421 5.92 -11.62 -22.25
CA LEU A 421 5.84 -11.42 -20.81
C LEU A 421 5.67 -12.72 -20.03
N ALA A 422 4.72 -13.56 -20.51
CA ALA A 422 4.41 -14.85 -19.90
C ALA A 422 5.67 -15.64 -19.76
N ARG A 423 6.38 -15.79 -20.88
CA ARG A 423 7.56 -16.63 -20.89
C ARG A 423 8.69 -16.06 -20.05
N MET A 424 8.77 -14.75 -20.02
CA MET A 424 9.73 -14.15 -19.16
C MET A 424 9.37 -14.36 -17.69
N GLU A 425 8.07 -14.31 -17.38
CA GLU A 425 7.63 -14.52 -16.01
C GLU A 425 7.91 -15.93 -15.54
N LEU A 426 7.57 -16.93 -16.33
CA LEU A 426 7.77 -18.30 -15.92
C LEU A 426 9.23 -18.61 -15.52
N PHE A 427 10.19 -18.15 -16.32
CA PHE A 427 11.60 -18.46 -16.08
C PHE A 427 12.24 -17.67 -14.92
N LEU A 428 12.04 -16.36 -14.88
CA LEU A 428 12.60 -15.55 -13.80
C LEU A 428 11.98 -15.92 -12.43
N LEU A 429 10.65 -16.02 -12.41
CA LEU A 429 9.96 -16.43 -11.21
C LEU A 429 10.32 -17.83 -10.80
N LEU A 430 10.31 -18.78 -11.70
CA LEU A 430 10.60 -20.13 -11.24
C LEU A 430 12.10 -20.22 -10.85
N CYS A 431 12.92 -19.33 -11.43
CA CYS A 431 14.32 -19.20 -11.04
C CYS A 431 14.50 -18.63 -9.63
N ALA A 432 13.84 -17.49 -9.38
CA ALA A 432 13.85 -16.86 -8.07
C ALA A 432 13.46 -17.87 -6.99
N ILE A 433 12.19 -18.29 -7.00
CA ILE A 433 11.71 -19.27 -6.06
C ILE A 433 12.73 -20.33 -5.76
N LEU A 434 13.23 -21.02 -6.78
CA LEU A 434 14.11 -22.16 -6.51
C LEU A 434 15.53 -21.81 -5.99
N GLN A 435 16.04 -20.65 -6.44
CA GLN A 435 17.26 -20.05 -5.89
C GLN A 435 17.23 -19.98 -4.34
N HIS A 436 16.05 -19.79 -3.76
CA HIS A 436 16.01 -19.52 -2.33
C HIS A 436 15.28 -20.52 -1.46
N PHE A 437 14.66 -21.51 -2.07
CA PHE A 437 13.76 -22.38 -1.35
C PHE A 437 13.78 -23.81 -1.84
N ASN A 438 13.66 -24.74 -0.89
CA ASN A 438 13.33 -26.07 -1.29
C ASN A 438 11.81 -26.26 -1.18
N LEU A 439 11.21 -26.86 -2.21
CA LEU A 439 9.78 -27.16 -2.16
C LEU A 439 9.61 -28.42 -1.34
N LYS A 440 8.58 -28.44 -0.52
CA LYS A 440 8.27 -29.65 0.18
C LYS A 440 6.76 -29.71 0.55
N PRO A 441 6.30 -30.89 0.21
CA PRO A 441 4.97 -31.33 -0.10
C PRO A 441 4.50 -32.15 1.02
N LEU A 442 3.21 -32.35 1.12
CA LEU A 442 2.76 -32.93 2.38
C LEU A 442 2.24 -34.32 2.11
N VAL A 443 2.90 -35.04 1.21
CA VAL A 443 2.54 -36.40 0.86
C VAL A 443 3.72 -36.88 0.07
N ASP A 444 3.90 -38.18 -0.08
CA ASP A 444 5.01 -38.64 -0.89
C ASP A 444 4.87 -38.20 -2.32
N PRO A 445 6.00 -37.82 -2.93
CA PRO A 445 6.10 -37.66 -4.36
C PRO A 445 5.31 -38.75 -5.07
N LYS A 446 5.40 -39.97 -4.55
CA LYS A 446 4.79 -41.14 -5.17
C LYS A 446 3.32 -40.92 -5.38
N ASP A 447 2.69 -40.22 -4.45
CA ASP A 447 1.24 -40.02 -4.38
C ASP A 447 0.62 -38.79 -5.01
N ILE A 448 1.44 -37.86 -5.45
CA ILE A 448 0.93 -36.65 -6.06
C ILE A 448 0.30 -37.12 -7.36
N ASP A 449 -0.96 -36.76 -7.53
CA ASP A 449 -1.71 -36.97 -8.76
C ASP A 449 -1.77 -35.63 -9.44
N LEU A 450 -1.11 -35.59 -10.58
CA LEU A 450 -0.86 -34.46 -11.43
C LEU A 450 -2.02 -34.15 -12.35
N SER A 451 -2.95 -35.09 -12.52
CA SER A 451 -4.15 -34.88 -13.37
C SER A 451 -4.93 -33.60 -13.01
N PRO A 452 -5.45 -32.87 -14.02
CA PRO A 452 -6.28 -31.72 -13.72
C PRO A 452 -7.60 -32.18 -13.14
N ILE A 453 -8.24 -31.37 -12.29
CA ILE A 453 -9.52 -31.76 -11.68
C ILE A 453 -10.76 -31.27 -12.43
N HIS A 454 -10.55 -30.31 -13.34
CA HIS A 454 -11.52 -29.96 -14.34
C HIS A 454 -10.75 -29.64 -15.60
N ILE A 455 -11.46 -29.82 -16.72
CA ILE A 455 -10.98 -29.66 -18.08
C ILE A 455 -12.07 -29.04 -18.96
N GLY A 456 -11.87 -27.80 -19.39
CA GLY A 456 -12.78 -27.14 -20.33
C GLY A 456 -12.02 -26.05 -21.07
N PHE A 457 -12.48 -24.81 -20.88
CA PHE A 457 -11.65 -23.61 -21.07
C PHE A 457 -10.22 -23.93 -20.65
N GLY A 458 -10.00 -24.26 -19.38
CA GLY A 458 -8.62 -24.60 -18.98
C GLY A 458 -8.44 -26.05 -18.47
N CYS A 459 -7.19 -26.40 -18.16
CA CYS A 459 -6.92 -27.54 -17.31
C CYS A 459 -6.56 -27.02 -15.93
N ILE A 460 -7.37 -27.40 -14.95
CA ILE A 460 -7.29 -26.91 -13.61
C ILE A 460 -6.59 -27.93 -12.67
N PRO A 461 -5.50 -27.52 -11.99
CA PRO A 461 -4.79 -28.39 -11.11
C PRO A 461 -5.49 -28.63 -9.78
N PRO A 462 -5.18 -29.75 -9.15
CA PRO A 462 -5.68 -30.07 -7.84
C PRO A 462 -5.23 -29.00 -6.87
N ARG A 463 -6.12 -28.60 -5.96
CA ARG A 463 -5.80 -27.91 -4.72
C ARG A 463 -4.75 -28.72 -3.96
N TYR A 464 -3.75 -28.02 -3.41
CA TYR A 464 -2.75 -28.63 -2.55
C TYR A 464 -2.14 -27.63 -1.58
N LYS A 465 -1.41 -28.15 -0.58
CA LYS A 465 -0.46 -27.30 0.16
C LYS A 465 0.99 -27.78 0.06
N LEU A 466 1.90 -26.83 0.28
CA LEU A 466 3.29 -27.17 0.45
C LEU A 466 3.99 -26.31 1.52
N CYS A 467 5.27 -26.62 1.76
CA CYS A 467 6.16 -25.80 2.59
C CYS A 467 7.30 -25.38 1.72
N VAL A 468 7.81 -24.17 1.97
CA VAL A 468 9.01 -23.70 1.29
C VAL A 468 10.11 -23.51 2.33
N ILE A 469 11.23 -24.19 2.12
CA ILE A 469 12.32 -24.27 3.09
C ILE A 469 13.50 -23.44 2.60
N PRO A 470 13.91 -22.43 3.37
CA PRO A 470 14.90 -21.45 2.89
C PRO A 470 16.27 -22.05 2.69
N ARG A 471 17.00 -21.53 1.71
CA ARG A 471 18.33 -22.07 1.42
C ARG A 471 19.50 -21.12 1.82
N SER A 472 19.17 -19.94 2.33
CA SER A 472 20.18 -18.92 2.59
C SER A 472 20.15 -18.38 4.03
N HIS A 473 18.98 -18.04 4.55
CA HIS A 473 18.88 -17.54 5.97
C HIS A 473 19.39 -16.09 6.18
N LYS B 10 -3.87 48.37 36.25
CA LYS B 10 -2.42 48.59 35.90
C LYS B 10 -1.60 47.37 35.39
N LEU B 11 -0.68 47.57 34.43
CA LEU B 11 -0.01 46.42 33.76
C LEU B 11 1.06 45.76 34.59
N PRO B 12 1.29 44.43 34.39
CA PRO B 12 2.40 43.77 35.05
C PRO B 12 3.70 44.48 34.72
N PRO B 13 4.68 44.45 35.62
CA PRO B 13 5.87 45.26 35.31
C PRO B 13 6.67 44.63 34.15
N GLY B 14 7.59 45.39 33.56
CA GLY B 14 8.28 44.98 32.38
C GLY B 14 9.39 45.93 32.01
N PRO B 15 10.29 45.49 31.14
CA PRO B 15 11.26 46.47 30.68
C PRO B 15 10.56 47.51 29.80
N PHE B 16 11.12 48.70 29.83
CA PHE B 16 10.58 49.81 29.13
C PHE B 16 10.80 49.61 27.58
N PRO B 17 9.71 49.63 26.79
CA PRO B 17 9.75 49.30 25.35
C PRO B 17 10.26 50.46 24.51
N LEU B 18 10.65 50.17 23.26
CA LEU B 18 11.20 51.20 22.36
C LEU B 18 10.21 51.39 21.23
N PRO B 19 10.13 52.64 20.71
CA PRO B 19 9.26 52.84 19.54
C PRO B 19 9.50 51.74 18.52
N ILE B 20 8.41 51.22 17.96
CA ILE B 20 8.40 50.23 16.86
C ILE B 20 8.77 48.76 17.15
N ILE B 21 9.96 48.52 17.70
CA ILE B 21 10.46 47.18 18.01
C ILE B 21 10.12 46.77 19.44
N GLY B 22 9.66 47.74 20.22
CA GLY B 22 9.28 47.47 21.58
C GLY B 22 10.40 46.89 22.42
N ASN B 23 10.23 45.67 22.86
CA ASN B 23 11.20 45.06 23.76
C ASN B 23 12.13 44.10 23.08
N LEU B 24 12.13 44.09 21.75
CA LEU B 24 13.00 43.20 20.98
C LEU B 24 14.46 43.11 21.44
N PHE B 25 15.02 44.14 22.05
CA PHE B 25 16.43 44.14 22.43
C PHE B 25 16.61 43.35 23.70
N GLN B 26 15.48 43.01 24.30
CA GLN B 26 15.48 42.23 25.51
C GLN B 26 15.41 40.71 25.18
N LEU B 27 15.20 40.38 23.90
CA LEU B 27 15.01 38.99 23.50
C LEU B 27 16.16 38.50 22.67
N GLU B 28 16.62 37.28 22.96
CA GLU B 28 17.58 36.64 22.09
C GLU B 28 16.72 35.65 21.26
N LEU B 29 16.55 35.96 19.98
CA LEU B 29 15.67 35.19 19.11
C LEU B 29 15.93 33.69 18.96
N LYS B 30 17.20 33.29 19.01
CA LYS B 30 17.66 31.91 19.00
C LYS B 30 17.18 31.16 20.23
N ASN B 31 16.67 31.87 21.25
CA ASN B 31 16.40 31.30 22.60
C ASN B 31 15.47 32.17 23.46
N ILE B 32 14.23 32.30 22.97
CA ILE B 32 13.24 33.12 23.65
C ILE B 32 13.06 32.61 25.12
N PRO B 33 12.85 31.28 25.32
CA PRO B 33 12.75 30.79 26.70
C PRO B 33 13.88 31.24 27.63
N LYS B 34 15.11 31.36 27.14
CA LYS B 34 16.18 31.73 28.06
C LYS B 34 16.05 33.22 28.38
N SER B 35 15.39 33.94 27.48
CA SER B 35 15.11 35.36 27.67
C SER B 35 14.01 35.59 28.69
N PHE B 36 12.92 34.84 28.57
CA PHE B 36 11.85 34.86 29.54
C PHE B 36 12.38 34.60 30.96
N THR B 37 13.13 33.52 31.14
CA THR B 37 13.68 33.19 32.44
C THR B 37 14.50 34.37 32.96
N ARG B 38 15.25 34.99 32.07
CA ARG B 38 16.14 36.09 32.44
C ARG B 38 15.28 37.32 32.88
N LEU B 39 14.24 37.63 32.11
CA LEU B 39 13.24 38.62 32.49
C LEU B 39 12.50 38.28 33.78
N ALA B 40 12.31 36.99 34.04
CA ALA B 40 11.66 36.60 35.29
C ALA B 40 12.56 36.79 36.51
N GLN B 41 13.88 36.88 36.34
CA GLN B 41 14.77 37.18 37.47
C GLN B 41 14.64 38.64 37.82
N ARG B 42 14.53 39.51 36.82
CA ARG B 42 14.48 40.95 37.01
C ARG B 42 13.11 41.44 37.50
N PHE B 43 12.01 40.76 37.15
CA PHE B 43 10.67 41.32 37.30
C PHE B 43 9.65 40.41 37.99
N GLY B 44 10.07 39.19 38.33
CA GLY B 44 9.22 38.22 38.98
C GLY B 44 8.48 37.45 37.92
N PRO B 45 7.51 36.62 38.33
CA PRO B 45 6.67 35.63 37.66
C PRO B 45 5.59 36.08 36.68
N VAL B 46 5.12 37.31 36.82
CA VAL B 46 4.21 37.89 35.80
C VAL B 46 4.90 39.11 35.28
N PHE B 47 5.15 39.17 33.97
CA PHE B 47 5.71 40.41 33.38
C PHE B 47 5.20 40.75 32.02
N THR B 48 5.28 42.02 31.69
CA THR B 48 4.80 42.53 30.40
C THR B 48 5.92 42.74 29.36
N LEU B 49 5.59 42.44 28.10
CA LEU B 49 6.53 42.57 26.98
C LEU B 49 5.80 43.15 25.81
N TYR B 50 6.46 44.04 25.09
CA TYR B 50 6.01 44.43 23.74
C TYR B 50 6.95 43.79 22.72
N VAL B 51 6.42 42.97 21.83
CA VAL B 51 7.28 42.42 20.78
C VAL B 51 6.73 42.98 19.48
N GLY B 52 7.43 43.98 18.97
CA GLY B 52 6.87 44.85 17.97
C GLY B 52 5.65 45.48 18.56
N SER B 53 4.59 45.50 17.80
CA SER B 53 3.37 46.16 18.23
C SER B 53 2.68 45.33 19.35
N GLN B 54 2.92 44.01 19.32
CA GLN B 54 2.15 43.02 20.06
C GLN B 54 2.48 42.95 21.55
N ARG B 55 1.47 43.12 22.40
CA ARG B 55 1.66 43.08 23.87
C ARG B 55 1.38 41.72 24.47
N MET B 56 2.33 41.25 25.28
CA MET B 56 2.22 39.94 25.91
C MET B 56 2.54 40.00 27.36
N VAL B 57 1.87 39.13 28.12
CA VAL B 57 2.20 38.92 29.51
C VAL B 57 2.75 37.50 29.61
N VAL B 58 3.88 37.36 30.27
CA VAL B 58 4.51 36.07 30.41
C VAL B 58 4.33 35.60 31.83
N MET B 59 3.80 34.39 32.02
CA MET B 59 3.80 33.76 33.33
C MET B 59 4.90 32.74 33.37
N HIS B 60 5.76 32.85 34.39
CA HIS B 60 6.95 32.02 34.54
C HIS B 60 6.90 31.38 35.91
N GLY B 61 7.27 30.10 36.00
CA GLY B 61 7.13 29.35 37.25
C GLY B 61 5.76 28.70 37.42
N TYR B 62 5.71 27.68 38.24
CA TYR B 62 4.53 26.89 38.30
C TYR B 62 3.35 27.56 39.03
N LYS B 63 3.61 28.35 40.08
CA LYS B 63 2.53 29.05 40.74
C LYS B 63 1.81 29.95 39.74
N ALA B 64 2.53 30.90 39.15
CA ALA B 64 1.94 31.72 38.10
C ALA B 64 1.31 30.91 36.91
N VAL B 65 1.99 29.88 36.41
CA VAL B 65 1.48 29.13 35.29
C VAL B 65 0.16 28.36 35.62
N LYS B 66 0.12 27.61 36.73
CA LYS B 66 -1.14 27.06 37.25
C LYS B 66 -2.31 28.08 37.37
N GLU B 67 -2.12 29.17 38.11
CA GLU B 67 -3.17 30.16 38.28
C GLU B 67 -3.70 30.60 36.93
N ALA B 68 -2.81 30.77 35.92
CA ALA B 68 -3.19 31.35 34.62
C ALA B 68 -3.96 30.33 33.78
N LEU B 69 -3.56 29.08 33.96
CA LEU B 69 -4.16 27.99 33.25
C LEU B 69 -5.36 27.36 33.94
N LEU B 70 -5.38 27.37 35.29
CA LEU B 70 -6.44 26.66 36.04
C LEU B 70 -7.46 27.56 36.78
N ASP B 71 -7.11 28.81 37.02
CA ASP B 71 -8.02 29.72 37.71
C ASP B 71 -8.76 30.64 36.71
N TYR B 72 -8.01 31.29 35.84
CA TYR B 72 -8.58 32.13 34.83
C TYR B 72 -8.66 31.32 33.52
N LYS B 73 -9.26 30.13 33.63
CA LYS B 73 -9.37 29.23 32.49
C LYS B 73 -10.24 29.82 31.37
N ASP B 74 -11.31 30.55 31.69
CA ASP B 74 -12.12 31.17 30.60
C ASP B 74 -11.62 32.56 30.20
N GLU B 75 -10.85 33.17 31.08
CA GLU B 75 -10.29 34.47 30.80
C GLU B 75 -9.10 34.34 29.82
N PHE B 76 -8.27 33.32 30.01
CA PHE B 76 -7.06 33.11 29.19
C PHE B 76 -7.16 31.97 28.14
N SER B 77 -8.36 31.67 27.65
CA SER B 77 -8.49 30.55 26.71
C SER B 77 -8.61 30.96 25.23
N GLY B 78 -8.30 32.22 24.94
CA GLY B 78 -7.96 32.58 23.56
C GLY B 78 -6.63 31.99 23.07
N ARG B 79 -6.44 32.03 21.74
CA ARG B 79 -5.25 31.55 21.04
C ARG B 79 -4.60 32.70 20.31
N GLY B 80 -3.41 33.10 20.76
CA GLY B 80 -2.67 34.17 20.13
C GLY B 80 -2.46 33.88 18.67
N ASP B 81 -2.37 34.94 17.87
CA ASP B 81 -2.15 34.77 16.45
C ASP B 81 -0.76 34.18 16.18
N LEU B 82 -0.58 33.61 15.01
CA LEU B 82 0.62 32.90 14.64
C LEU B 82 0.68 32.92 13.08
N PRO B 83 1.16 34.05 12.51
CA PRO B 83 1.13 34.43 11.11
C PRO B 83 1.46 33.32 10.08
N ALA B 84 2.47 32.53 10.43
CA ALA B 84 2.94 31.42 9.60
C ALA B 84 1.77 30.48 9.30
N PHE B 85 0.81 30.45 10.22
CA PHE B 85 -0.29 29.54 10.14
C PHE B 85 -1.60 30.31 9.92
N HIS B 86 -1.54 31.37 9.13
CA HIS B 86 -2.75 32.05 8.74
C HIS B 86 -3.75 31.17 7.96
N ALA B 87 -3.26 30.32 7.06
CA ALA B 87 -4.15 29.40 6.40
C ALA B 87 -5.05 28.59 7.37
N HIS B 88 -4.76 28.64 8.69
CA HIS B 88 -5.56 27.96 9.71
C HIS B 88 -6.32 28.88 10.65
N ARG B 89 -5.94 30.15 10.68
CA ARG B 89 -6.50 31.07 11.68
C ARG B 89 -8.04 30.99 11.83
N ASP B 90 -8.48 30.92 13.08
CA ASP B 90 -9.90 30.93 13.48
C ASP B 90 -10.67 29.82 12.79
N ARG B 91 -10.04 28.67 12.66
CA ARG B 91 -10.71 27.48 12.18
C ARG B 91 -10.00 26.30 12.81
N GLY B 92 -10.53 25.10 12.63
CA GLY B 92 -10.02 23.93 13.33
C GLY B 92 -9.90 24.08 14.86
N ILE B 93 -8.76 23.67 15.40
CA ILE B 93 -8.56 23.68 16.85
C ILE B 93 -7.33 24.50 17.30
N ILE B 94 -6.15 24.10 16.82
CA ILE B 94 -4.90 24.69 17.27
C ILE B 94 -4.84 26.24 17.18
N PHE B 95 -5.20 26.79 16.03
CA PHE B 95 -4.93 28.21 15.80
C PHE B 95 -6.22 28.95 15.76
N ASN B 96 -7.22 28.32 16.33
CA ASN B 96 -8.56 28.84 16.30
C ASN B 96 -8.94 29.68 17.53
N ASN B 97 -9.06 31.00 17.33
CA ASN B 97 -9.39 31.98 18.38
C ASN B 97 -10.80 32.52 18.20
N GLY B 98 -11.60 31.86 17.37
CA GLY B 98 -12.92 32.37 16.97
C GLY B 98 -14.07 31.50 17.45
N PRO B 99 -15.28 31.98 17.31
CA PRO B 99 -16.46 31.33 17.88
C PRO B 99 -16.54 29.84 17.61
N THR B 100 -15.81 29.37 16.63
CA THR B 100 -15.99 28.02 16.16
C THR B 100 -15.26 26.99 17.00
N TRP B 101 -14.39 27.47 17.83
CA TRP B 101 -13.40 26.65 18.49
C TRP B 101 -14.00 25.68 19.48
N LYS B 102 -14.90 26.19 20.31
CA LYS B 102 -15.38 25.41 21.45
C LYS B 102 -15.96 24.07 21.00
N ASP B 103 -16.92 24.12 20.08
CA ASP B 103 -17.69 22.94 19.71
C ASP B 103 -16.86 22.01 18.81
N ILE B 104 -16.07 22.59 17.91
CA ILE B 104 -15.16 21.76 17.13
C ILE B 104 -14.22 20.99 18.08
N ARG B 105 -13.61 21.69 19.02
CA ARG B 105 -12.78 20.98 19.96
C ARG B 105 -13.58 19.91 20.71
N ARG B 106 -14.70 20.28 21.32
CA ARG B 106 -15.49 19.28 22.04
C ARG B 106 -15.89 18.06 21.21
N PHE B 107 -16.33 18.27 19.98
CA PHE B 107 -16.66 17.13 19.12
C PHE B 107 -15.46 16.25 18.84
N SER B 108 -14.37 16.87 18.38
CA SER B 108 -13.12 16.20 18.16
C SER B 108 -12.64 15.39 19.38
N LEU B 109 -12.79 15.94 20.58
CA LEU B 109 -12.43 15.17 21.78
C LEU B 109 -13.31 13.97 21.92
N THR B 110 -14.61 14.20 21.84
CA THR B 110 -15.54 13.11 21.96
C THR B 110 -15.13 12.03 20.95
N THR B 111 -14.99 12.41 19.68
CA THR B 111 -14.61 11.46 18.63
C THR B 111 -13.33 10.66 18.93
N LEU B 112 -12.26 11.34 19.34
CA LEU B 112 -11.03 10.64 19.67
C LEU B 112 -11.23 9.57 20.78
N ARG B 113 -12.03 9.86 21.81
CA ARG B 113 -12.37 8.82 22.82
C ARG B 113 -13.02 7.60 22.19
N ASN B 114 -13.99 7.85 21.29
CA ASN B 114 -14.70 6.78 20.61
C ASN B 114 -13.76 5.87 19.82
N TYR B 115 -12.79 6.46 19.11
CA TYR B 115 -11.75 5.69 18.45
C TYR B 115 -10.72 5.14 19.44
N GLY B 116 -10.71 5.71 20.64
CA GLY B 116 -9.79 5.33 21.72
C GLY B 116 -10.20 4.05 22.40
N GLN B 120 -11.28 -2.58 19.78
CA GLN B 120 -10.28 -1.98 18.88
C GLN B 120 -9.88 -0.54 19.31
N GLY B 121 -9.45 -0.38 20.58
CA GLY B 121 -8.99 0.92 21.09
C GLY B 121 -7.67 1.48 20.54
N ASN B 122 -7.12 2.44 21.26
CA ASN B 122 -5.81 3.01 20.92
C ASN B 122 -4.66 2.01 21.13
N GLU B 123 -4.69 1.31 22.26
CA GLU B 123 -3.71 0.26 22.57
C GLU B 123 -3.49 -0.63 21.37
N SER B 124 -4.60 -1.14 20.85
CA SER B 124 -4.60 -2.14 19.78
C SER B 124 -4.08 -1.54 18.47
N ARG B 125 -4.52 -0.32 18.14
CA ARG B 125 -4.01 0.43 16.99
C ARG B 125 -2.48 0.58 17.03
N ILE B 126 -2.01 1.11 18.17
CA ILE B 126 -0.60 1.36 18.41
C ILE B 126 0.17 0.06 18.29
N GLN B 127 -0.39 -0.97 18.92
CA GLN B 127 0.20 -2.32 18.94
C GLN B 127 0.40 -2.92 17.55
N ARG B 128 -0.57 -2.70 16.64
CA ARG B 128 -0.42 -3.16 15.26
C ARG B 128 0.60 -2.32 14.51
N GLU B 129 0.61 -1.02 14.79
CA GLU B 129 1.66 -0.21 14.24
C GLU B 129 3.07 -0.68 14.71
N ALA B 130 3.19 -1.04 15.98
CA ALA B 130 4.50 -1.53 16.45
C ALA B 130 5.08 -2.66 15.60
N HIS B 131 4.22 -3.52 15.05
CA HIS B 131 4.68 -4.57 14.16
C HIS B 131 5.40 -3.99 12.93
N PHE B 132 4.88 -2.91 12.36
CA PHE B 132 5.54 -2.31 11.18
C PHE B 132 6.75 -1.56 11.56
N LEU B 133 6.71 -0.93 12.73
CA LEU B 133 7.88 -0.23 13.23
C LEU B 133 9.03 -1.21 13.43
N LEU B 134 8.78 -2.31 14.14
CA LEU B 134 9.80 -3.37 14.37
C LEU B 134 10.35 -4.03 13.07
N GLU B 135 9.48 -4.22 12.08
CA GLU B 135 9.88 -4.69 10.75
C GLU B 135 10.92 -3.73 10.16
N ALA B 136 10.52 -2.46 10.01
CA ALA B 136 11.35 -1.45 9.36
C ALA B 136 12.70 -1.36 10.05
N LEU B 137 12.67 -1.43 11.37
CA LEU B 137 13.89 -1.43 12.18
C LEU B 137 14.78 -2.63 11.87
N ARG B 138 14.20 -3.84 11.92
CA ARG B 138 14.90 -5.09 11.55
C ARG B 138 15.52 -4.89 10.17
N LYS B 139 14.73 -4.34 9.27
CA LYS B 139 15.16 -4.11 7.92
C LYS B 139 16.38 -3.17 7.73
N THR B 140 16.85 -2.50 8.79
CA THR B 140 18.08 -1.68 8.70
C THR B 140 19.33 -2.55 8.86
N GLN B 141 19.11 -3.80 9.27
CA GLN B 141 20.14 -4.81 9.29
C GLN B 141 21.36 -4.41 10.10
N GLY B 142 21.15 -3.76 11.25
CA GLY B 142 22.26 -3.29 12.09
C GLY B 142 23.19 -2.23 11.49
N GLN B 143 22.87 -1.73 10.30
CA GLN B 143 23.61 -0.60 9.71
C GLN B 143 23.14 0.73 10.31
N PRO B 144 23.99 1.75 10.22
CA PRO B 144 23.66 3.16 10.49
C PRO B 144 22.50 3.68 9.64
N PHE B 145 21.51 4.32 10.33
CA PHE B 145 20.38 5.03 9.69
C PHE B 145 19.99 6.27 10.49
N ASP B 146 19.31 7.19 9.80
CA ASP B 146 18.62 8.33 10.46
C ASP B 146 17.22 7.91 10.88
N PRO B 147 16.93 7.93 12.18
CA PRO B 147 15.63 7.54 12.68
C PRO B 147 14.49 8.42 12.27
N THR B 148 14.75 9.69 12.01
CA THR B 148 13.69 10.66 11.70
C THR B 148 12.48 10.13 10.93
N PHE B 149 12.67 9.54 9.76
CA PHE B 149 11.52 9.12 8.96
C PHE B 149 11.38 7.61 8.96
N LEU B 150 11.94 6.99 9.99
CA LEU B 150 11.59 5.61 10.33
C LEU B 150 10.65 5.64 11.58
N ILE B 151 11.19 5.98 12.76
CA ILE B 151 10.38 6.33 13.95
C ILE B 151 9.10 7.14 13.66
N GLY B 152 9.20 8.17 12.84
CA GLY B 152 8.07 9.06 12.56
C GLY B 152 6.83 8.38 11.99
N CYS B 153 7.04 7.35 11.16
CA CYS B 153 5.94 6.68 10.48
C CYS B 153 4.90 6.18 11.47
N ALA B 154 5.36 5.70 12.61
CA ALA B 154 4.53 5.02 13.58
C ALA B 154 3.46 5.92 14.15
N PRO B 155 3.82 7.08 14.71
CA PRO B 155 2.77 8.01 15.12
C PRO B 155 2.02 8.58 13.92
N CYS B 156 2.69 8.72 12.77
CA CYS B 156 2.03 9.27 11.56
C CYS B 156 0.85 8.38 11.03
N ASN B 157 1.14 7.10 10.79
CA ASN B 157 0.13 6.04 10.58
C ASN B 157 -0.96 5.93 11.63
N VAL B 158 -0.61 5.92 12.92
CA VAL B 158 -1.64 5.80 13.97
C VAL B 158 -2.66 6.92 13.86
N ILE B 159 -2.22 8.17 13.81
CA ILE B 159 -3.19 9.26 13.69
C ILE B 159 -3.89 9.14 12.36
N ALA B 160 -3.23 8.49 11.39
CA ALA B 160 -3.81 8.27 10.04
C ALA B 160 -4.90 7.20 9.97
N ASP B 161 -4.78 6.16 10.78
CA ASP B 161 -5.87 5.21 10.94
C ASP B 161 -7.12 5.98 11.40
N ILE B 162 -7.00 6.68 12.52
CA ILE B 162 -8.09 7.48 13.09
C ILE B 162 -8.69 8.52 12.13
N LEU B 163 -7.83 9.12 11.33
CA LEU B 163 -8.21 10.34 10.66
C LEU B 163 -8.84 9.98 9.32
N PHE B 164 -8.24 9.03 8.60
CA PHE B 164 -8.64 8.64 7.23
C PHE B 164 -8.79 7.13 7.03
N ARG B 165 -8.80 6.37 8.11
CA ARG B 165 -8.71 4.90 8.00
C ARG B 165 -7.62 4.52 6.96
N LYS B 166 -6.54 5.29 6.91
CA LYS B 166 -5.50 5.06 5.92
C LYS B 166 -4.30 4.43 6.59
N HIS B 167 -3.54 3.68 5.80
CA HIS B 167 -2.33 3.07 6.28
C HIS B 167 -1.26 3.06 5.20
N PHE B 168 -0.16 3.75 5.49
CA PHE B 168 0.88 3.92 4.54
C PHE B 168 1.99 2.90 4.74
N ASP B 169 2.56 2.53 3.62
CA ASP B 169 3.84 1.86 3.59
C ASP B 169 4.98 2.87 3.94
N TYR B 170 5.92 2.44 4.78
CA TYR B 170 7.02 3.32 5.26
C TYR B 170 7.86 3.92 4.11
N ASN B 171 7.75 3.31 2.93
CA ASN B 171 8.40 3.75 1.68
C ASN B 171 7.52 4.56 0.72
N ASP B 172 6.23 4.73 1.03
CA ASP B 172 5.36 5.51 0.14
C ASP B 172 5.81 6.97 0.14
N GLU B 173 6.02 7.51 -1.06
CA GLU B 173 6.66 8.81 -1.24
C GLU B 173 5.84 9.93 -0.71
N LYS B 174 4.52 9.82 -0.88
CA LYS B 174 3.62 10.84 -0.34
C LYS B 174 3.71 10.86 1.20
N PHE B 175 3.71 9.67 1.79
CA PHE B 175 3.94 9.52 3.23
C PHE B 175 5.18 10.31 3.66
N LEU B 176 6.33 9.92 3.10
CA LEU B 176 7.59 10.58 3.33
C LEU B 176 7.45 12.09 3.19
N ARG B 177 6.65 12.51 2.21
CA ARG B 177 6.52 13.92 1.91
C ARG B 177 5.77 14.70 3.06
N LEU B 178 4.62 14.19 3.46
CA LEU B 178 3.87 14.69 4.59
C LEU B 178 4.78 14.82 5.81
N MET B 179 5.55 13.78 6.08
CA MET B 179 6.38 13.78 7.26
C MET B 179 7.42 14.87 7.11
N TYR B 180 7.95 14.98 5.91
CA TYR B 180 8.95 15.94 5.61
C TYR B 180 8.47 17.36 5.87
N LEU B 181 7.25 17.66 5.46
CA LEU B 181 6.68 18.96 5.69
C LEU B 181 6.36 19.20 7.19
N PHE B 182 5.78 18.20 7.84
CA PHE B 182 5.57 18.31 9.28
C PHE B 182 6.89 18.72 9.94
N ASN B 183 7.94 17.99 9.57
CA ASN B 183 9.23 18.12 10.17
C ASN B 183 9.90 19.43 9.85
N GLU B 184 9.98 19.81 8.58
CA GLU B 184 10.48 21.13 8.26
C GLU B 184 9.72 22.26 8.98
N ASN B 185 8.42 22.18 9.02
CA ASN B 185 7.64 23.20 9.75
C ASN B 185 7.96 23.34 11.25
N PHE B 186 8.08 22.21 11.92
CA PHE B 186 8.39 22.22 13.33
C PHE B 186 9.80 22.75 13.52
N HIS B 187 10.69 22.39 12.63
CA HIS B 187 12.08 22.87 12.61
C HIS B 187 12.12 24.40 12.43
N LEU B 188 11.52 24.90 11.35
CA LEU B 188 11.69 26.31 10.93
C LEU B 188 10.96 27.21 11.85
N LEU B 189 9.89 26.71 12.45
CA LEU B 189 9.14 27.47 13.43
C LEU B 189 9.90 27.68 14.73
N SER B 190 11.06 27.02 14.83
CA SER B 190 11.90 27.02 16.00
C SER B 190 13.17 27.88 15.74
N THR B 191 13.19 28.68 14.66
CA THR B 191 14.40 29.39 14.30
C THR B 191 14.24 30.92 14.46
N PRO B 192 15.35 31.63 14.55
CA PRO B 192 15.18 33.07 14.77
C PRO B 192 14.30 33.81 13.75
N TRP B 193 14.54 33.58 12.47
CA TRP B 193 13.87 34.33 11.44
C TRP B 193 12.39 34.15 11.63
N LEU B 194 11.96 32.95 11.95
CA LEU B 194 10.52 32.75 12.19
C LEU B 194 10.03 33.33 13.50
N GLN B 195 10.91 33.66 14.43
CA GLN B 195 10.42 34.27 15.63
C GLN B 195 10.23 35.73 15.32
N LEU B 196 11.04 36.26 14.41
CA LEU B 196 10.90 37.66 14.11
C LEU B 196 9.64 37.88 13.29
N TYR B 197 9.45 37.00 12.31
CA TYR B 197 8.34 37.12 11.41
C TYR B 197 7.05 36.89 12.18
N ASN B 198 6.97 35.89 13.05
CA ASN B 198 5.70 35.71 13.80
C ASN B 198 5.28 37.00 14.50
N ASN B 199 6.25 37.88 14.81
CA ASN B 199 6.00 39.14 15.53
C ASN B 199 6.05 40.44 14.72
N PHE B 200 6.52 40.36 13.48
CA PHE B 200 6.43 41.51 12.58
C PHE B 200 5.88 41.13 11.19
N PRO B 201 4.75 40.38 11.14
CA PRO B 201 4.30 39.75 9.91
C PRO B 201 4.18 40.72 8.78
N SER B 202 3.61 41.88 9.05
CA SER B 202 3.32 42.80 7.96
C SER B 202 4.56 43.47 7.42
N PHE B 203 5.57 43.73 8.25
CA PHE B 203 6.82 44.35 7.76
C PHE B 203 7.60 43.38 6.89
N LEU B 204 7.40 42.09 7.14
CA LEU B 204 8.34 41.04 6.70
C LEU B 204 7.77 40.01 5.74
N HIS B 205 6.45 39.88 5.69
CA HIS B 205 5.78 38.85 4.93
C HIS B 205 6.18 38.85 3.47
N TYR B 206 6.35 40.03 2.91
CA TYR B 206 6.62 40.08 1.48
C TYR B 206 8.08 40.18 1.16
N LEU B 207 8.96 39.99 2.14
CA LEU B 207 10.35 39.86 1.78
C LEU B 207 10.68 38.39 1.57
N PRO B 208 11.79 38.08 0.91
CA PRO B 208 12.14 36.65 0.92
C PRO B 208 12.47 36.13 2.30
N GLY B 209 12.47 34.82 2.46
CA GLY B 209 12.85 34.21 3.72
C GLY B 209 12.09 32.93 4.01
N SER B 210 12.60 32.23 5.01
CA SER B 210 12.18 30.89 5.29
C SER B 210 10.75 30.83 5.83
N HIS B 211 10.15 32.00 6.07
CA HIS B 211 8.71 32.02 6.36
C HIS B 211 7.89 31.56 5.14
N ARG B 212 8.41 31.74 3.95
CA ARG B 212 7.62 31.36 2.77
C ARG B 212 7.62 29.91 2.60
N LYS B 213 8.67 29.29 3.11
CA LYS B 213 8.73 27.86 3.13
C LYS B 213 7.63 27.35 4.09
N VAL B 214 7.50 27.95 5.25
CA VAL B 214 6.56 27.41 6.23
C VAL B 214 5.18 27.48 5.62
N ILE B 215 4.86 28.67 5.10
CA ILE B 215 3.57 28.92 4.46
C ILE B 215 3.31 27.93 3.31
N LYS B 216 4.19 27.87 2.30
CA LYS B 216 3.96 26.89 1.22
C LYS B 216 3.72 25.49 1.82
N ASN B 217 4.54 25.11 2.81
CA ASN B 217 4.39 23.80 3.46
C ASN B 217 3.01 23.61 4.10
N VAL B 218 2.54 24.63 4.83
CA VAL B 218 1.21 24.57 5.41
C VAL B 218 0.19 24.37 4.31
N ALA B 219 0.28 25.18 3.26
CA ALA B 219 -0.69 25.11 2.15
C ALA B 219 -0.65 23.75 1.41
N GLU B 220 0.51 23.11 1.35
CA GLU B 220 0.65 21.80 0.75
C GLU B 220 -0.01 20.70 1.60
N VAL B 221 0.17 20.76 2.93
CA VAL B 221 -0.54 19.88 3.86
C VAL B 221 -2.04 20.03 3.74
N LYS B 222 -2.54 21.26 3.68
CA LYS B 222 -3.98 21.49 3.51
C LYS B 222 -4.51 20.88 2.22
N GLU B 223 -3.79 21.17 1.13
CA GLU B 223 -4.15 20.65 -0.16
C GLU B 223 -4.36 19.14 -0.07
N TYR B 224 -3.39 18.44 0.51
CA TYR B 224 -3.50 16.99 0.58
C TYR B 224 -4.62 16.52 1.50
N VAL B 225 -4.82 17.21 2.62
CA VAL B 225 -5.88 16.79 3.53
C VAL B 225 -7.20 17.09 2.81
N SER B 226 -7.26 18.26 2.18
CA SER B 226 -8.43 18.70 1.45
C SER B 226 -8.97 17.65 0.46
N GLU B 227 -8.10 17.14 -0.39
CA GLU B 227 -8.46 16.11 -1.34
C GLU B 227 -8.97 14.87 -0.65
N ARG B 228 -8.37 14.54 0.48
CA ARG B 228 -8.81 13.39 1.26
C ARG B 228 -10.25 13.55 1.85
N VAL B 229 -10.63 14.79 2.16
CA VAL B 229 -11.94 15.17 2.73
C VAL B 229 -13.05 15.15 1.65
N LYS B 230 -12.81 15.81 0.50
CA LYS B 230 -13.73 15.77 -0.64
C LYS B 230 -13.93 14.31 -1.11
N GLU B 231 -12.82 13.57 -1.21
CA GLU B 231 -12.80 12.14 -1.50
C GLU B 231 -13.59 11.30 -0.48
N HIS B 232 -13.83 11.88 0.70
CA HIS B 232 -14.59 11.22 1.77
C HIS B 232 -16.08 11.55 1.70
N HIS B 233 -16.37 12.80 1.34
CA HIS B 233 -17.72 13.34 1.24
C HIS B 233 -18.39 12.58 0.09
N GLN B 234 -17.79 12.69 -1.10
CA GLN B 234 -18.19 12.03 -2.34
C GLN B 234 -18.49 10.52 -2.21
N SER B 235 -18.07 9.88 -1.11
CA SER B 235 -18.54 8.51 -0.84
C SER B 235 -19.05 8.28 0.59
N LEU B 236 -19.46 9.38 1.23
CA LEU B 236 -19.91 9.34 2.62
C LEU B 236 -21.17 8.49 2.80
N ASP B 237 -21.11 7.55 3.74
CA ASP B 237 -22.30 6.85 4.21
C ASP B 237 -22.62 7.28 5.66
N PRO B 238 -23.56 8.23 5.85
CA PRO B 238 -23.90 8.70 7.21
C PRO B 238 -24.17 7.57 8.23
N ASN B 239 -24.81 6.49 7.78
CA ASN B 239 -25.00 5.29 8.62
C ASN B 239 -23.67 4.71 9.12
N CYS B 240 -22.69 4.57 8.22
CA CYS B 240 -21.36 4.03 8.60
C CYS B 240 -20.16 4.98 8.38
N PRO B 241 -19.76 5.73 9.44
CA PRO B 241 -18.59 6.61 9.30
C PRO B 241 -17.28 5.80 9.47
N ARG B 242 -16.40 5.84 8.48
CA ARG B 242 -15.21 4.98 8.44
C ARG B 242 -14.07 5.49 9.34
N ASP B 243 -14.22 6.73 9.82
CA ASP B 243 -13.16 7.45 10.52
C ASP B 243 -13.63 8.80 11.06
N LEU B 244 -12.66 9.61 11.48
CA LEU B 244 -12.95 10.87 12.14
C LEU B 244 -13.42 11.94 11.18
N THR B 245 -12.82 11.98 9.99
CA THR B 245 -13.22 12.94 8.96
C THR B 245 -14.60 12.57 8.45
N ASP B 246 -14.95 11.28 8.51
CA ASP B 246 -16.32 10.87 8.26
C ASP B 246 -17.26 11.54 9.26
N CYS B 247 -16.94 11.43 10.56
CA CYS B 247 -17.82 11.99 11.62
C CYS B 247 -17.94 13.47 11.47
N LEU B 248 -16.87 14.10 10.98
CA LEU B 248 -16.90 15.55 10.84
C LEU B 248 -17.85 15.91 9.72
N LEU B 249 -17.86 15.08 8.67
CA LEU B 249 -18.72 15.27 7.51
C LEU B 249 -20.20 15.14 7.84
N VAL B 250 -20.51 14.05 8.52
CA VAL B 250 -21.86 13.78 9.05
C VAL B 250 -22.38 15.00 9.84
N GLU B 251 -21.51 15.60 10.65
CA GLU B 251 -21.89 16.71 11.49
C GLU B 251 -22.18 18.01 10.72
N MET B 252 -21.69 18.09 9.49
CA MET B 252 -21.90 19.24 8.61
C MET B 252 -23.15 19.05 7.77
N GLU B 253 -23.54 17.79 7.60
CA GLU B 253 -24.80 17.47 6.98
C GLU B 253 -25.92 17.89 7.92
N LYS B 254 -25.97 17.30 9.11
CA LYS B 254 -26.98 17.64 10.11
C LYS B 254 -27.41 19.12 10.14
N GLU B 255 -26.43 20.03 10.07
CA GLU B 255 -26.74 21.45 10.21
C GLU B 255 -26.71 22.24 8.90
N LYS B 256 -27.03 21.58 7.78
CA LYS B 256 -27.14 22.30 6.51
C LYS B 256 -28.53 23.01 6.35
N HIS B 257 -29.52 22.56 7.15
CA HIS B 257 -30.76 23.33 7.44
C HIS B 257 -30.42 24.68 8.11
N SER B 258 -29.61 24.62 9.17
CA SER B 258 -29.18 25.79 9.96
C SER B 258 -28.70 27.00 9.16
N ALA B 259 -29.05 28.17 9.68
CA ALA B 259 -28.58 29.44 9.15
C ALA B 259 -27.13 29.62 9.59
N GLU B 260 -26.88 29.42 10.89
CA GLU B 260 -25.51 29.40 11.46
C GLU B 260 -24.80 28.02 11.35
N ARG B 261 -23.71 27.99 10.59
CA ARG B 261 -22.98 26.74 10.41
C ARG B 261 -21.71 26.78 11.23
N LEU B 262 -21.46 25.66 11.87
CA LEU B 262 -20.25 25.43 12.61
C LEU B 262 -19.20 24.85 11.67
N TYR B 263 -19.60 23.90 10.83
CA TYR B 263 -18.66 23.26 9.92
C TYR B 263 -18.72 23.76 8.47
N THR B 264 -17.54 24.16 7.96
CA THR B 264 -17.28 24.28 6.53
C THR B 264 -16.34 23.20 6.10
N MET B 265 -16.42 22.88 4.82
CA MET B 265 -15.43 22.06 4.15
C MET B 265 -14.00 22.55 4.47
N ASP B 266 -13.77 23.86 4.33
CA ASP B 266 -12.49 24.42 4.72
C ASP B 266 -12.21 24.28 6.24
N GLY B 267 -13.23 24.51 7.08
CA GLY B 267 -13.08 24.30 8.51
C GLY B 267 -12.70 22.88 8.88
N ILE B 268 -13.18 21.92 8.10
CA ILE B 268 -12.97 20.50 8.38
C ILE B 268 -11.56 20.02 8.04
N THR B 269 -11.08 20.45 6.88
CA THR B 269 -9.68 20.21 6.46
C THR B 269 -8.68 20.84 7.46
N VAL B 270 -8.96 22.06 7.95
CA VAL B 270 -8.14 22.63 8.96
C VAL B 270 -8.10 21.68 10.17
N THR B 271 -9.25 21.33 10.73
CA THR B 271 -9.28 20.46 11.91
C THR B 271 -8.43 19.23 11.71
N VAL B 272 -8.54 18.69 10.52
CA VAL B 272 -7.95 17.45 10.26
C VAL B 272 -6.46 17.69 10.09
N ALA B 273 -6.08 18.66 9.27
CA ALA B 273 -4.70 19.10 9.17
C ALA B 273 -4.06 19.24 10.57
N ASP B 274 -4.70 20.01 11.45
CA ASP B 274 -4.26 20.23 12.82
C ASP B 274 -3.96 18.93 13.49
N LEU B 275 -4.86 17.96 13.33
CA LEU B 275 -4.73 16.72 14.07
C LEU B 275 -3.71 15.82 13.44
N PHE B 276 -3.48 16.03 12.17
CA PHE B 276 -2.50 15.23 11.43
C PHE B 276 -1.08 15.76 11.80
N PHE B 277 -0.88 17.06 11.65
CA PHE B 277 0.36 17.69 12.03
C PHE B 277 0.69 17.34 13.48
N ALA B 278 -0.24 17.59 14.37
CA ALA B 278 0.10 17.51 15.76
C ALA B 278 0.28 16.04 16.19
N GLY B 279 -0.54 15.14 15.64
CA GLY B 279 -0.54 13.74 16.03
C GLY B 279 0.68 13.07 15.44
N THR B 280 1.33 13.73 14.50
CA THR B 280 2.57 13.22 14.01
C THR B 280 3.80 13.79 14.68
N GLU B 281 3.92 15.10 14.76
CA GLU B 281 5.26 15.61 14.98
C GLU B 281 5.74 15.63 16.41
N THR B 282 4.87 15.95 17.35
CA THR B 282 5.39 16.02 18.70
C THR B 282 5.77 14.63 19.25
N THR B 283 4.97 13.61 18.94
CA THR B 283 5.28 12.24 19.35
C THR B 283 6.56 11.76 18.70
N SER B 284 6.66 11.95 17.41
CA SER B 284 7.86 11.47 16.75
C SER B 284 9.11 12.18 17.31
N THR B 285 9.07 13.51 17.41
CA THR B 285 10.22 14.22 17.97
C THR B 285 10.66 13.65 19.37
N THR B 286 9.65 13.41 20.22
CA THR B 286 9.88 12.91 21.54
C THR B 286 10.55 11.51 21.54
N LEU B 287 9.99 10.63 20.73
CA LEU B 287 10.57 9.34 20.51
C LEU B 287 12.03 9.49 20.09
N ARG B 288 12.24 10.32 19.06
CA ARG B 288 13.55 10.49 18.47
C ARG B 288 14.54 11.13 19.44
N TYR B 289 14.05 12.08 20.25
CA TYR B 289 14.86 12.62 21.36
C TYR B 289 15.21 11.54 22.41
N GLY B 290 14.23 10.68 22.70
CA GLY B 290 14.43 9.64 23.71
C GLY B 290 15.54 8.65 23.37
N LEU B 291 15.60 8.29 22.10
CA LEU B 291 16.58 7.30 21.69
C LEU B 291 17.99 7.88 21.87
N LEU B 292 18.16 9.13 21.45
CA LEU B 292 19.43 9.82 21.67
C LEU B 292 19.80 9.92 23.16
N ILE B 293 18.79 10.08 24.00
CA ILE B 293 19.06 10.25 25.42
C ILE B 293 19.57 8.92 25.94
N LEU B 294 18.93 7.85 25.50
CA LEU B 294 19.19 6.54 26.05
C LEU B 294 20.55 6.09 25.60
N MET B 295 20.98 6.56 24.44
CA MET B 295 22.29 6.23 24.01
C MET B 295 23.35 7.03 24.77
N LYS B 296 22.96 8.14 25.41
CA LYS B 296 23.90 8.87 26.25
C LYS B 296 24.16 8.13 27.57
N TYR B 297 23.12 7.50 28.09
CA TYR B 297 23.17 6.82 29.38
C TYR B 297 22.87 5.35 29.17
N PRO B 298 23.86 4.58 28.70
CA PRO B 298 23.68 3.16 28.39
C PRO B 298 23.22 2.30 29.59
N GLU B 299 23.60 2.69 30.80
CA GLU B 299 23.15 2.03 32.03
C GLU B 299 21.66 2.10 32.21
N ILE B 300 21.08 3.26 31.89
CA ILE B 300 19.64 3.42 31.93
C ILE B 300 18.96 2.51 30.92
N GLU B 301 19.51 2.42 29.73
CA GLU B 301 18.96 1.50 28.75
C GLU B 301 19.05 0.06 29.26
N GLU B 302 20.20 -0.31 29.81
CA GLU B 302 20.40 -1.66 30.35
C GLU B 302 19.30 -1.93 31.36
N LYS B 303 19.10 -1.01 32.30
CA LYS B 303 18.08 -1.19 33.37
C LYS B 303 16.70 -1.38 32.83
N LEU B 304 16.34 -0.56 31.85
CA LEU B 304 15.12 -0.75 31.10
C LEU B 304 15.03 -2.17 30.55
N HIS B 305 16.13 -2.65 29.94
CA HIS B 305 16.14 -4.00 29.34
C HIS B 305 15.84 -5.07 30.38
N GLU B 306 16.49 -5.02 31.54
CA GLU B 306 16.22 -6.00 32.56
C GLU B 306 14.71 -6.06 32.83
N GLU B 307 14.09 -4.87 32.91
CA GLU B 307 12.68 -4.74 33.30
C GLU B 307 11.71 -5.18 32.22
N ILE B 308 11.99 -4.87 30.96
CA ILE B 308 11.13 -5.35 29.86
C ILE B 308 11.10 -6.87 29.84
N ASP B 309 12.27 -7.50 29.75
CA ASP B 309 12.45 -8.94 30.00
C ASP B 309 11.85 -9.65 31.22
N ARG B 310 12.14 -9.16 32.43
CA ARG B 310 11.49 -9.67 33.65
C ARG B 310 9.94 -9.61 33.57
N VAL B 311 9.37 -8.49 33.14
CA VAL B 311 7.92 -8.26 33.23
C VAL B 311 7.12 -8.63 31.99
N ILE B 312 7.76 -8.63 30.81
CA ILE B 312 7.05 -8.82 29.55
C ILE B 312 7.71 -9.94 28.78
N GLY B 313 9.02 -9.99 28.92
CA GLY B 313 9.80 -11.05 28.35
C GLY B 313 10.03 -10.76 26.90
N PRO B 314 10.87 -11.60 26.26
CA PRO B 314 11.33 -11.37 24.90
C PRO B 314 10.22 -11.29 23.84
N SER B 315 9.00 -11.68 24.14
CA SER B 315 8.09 -12.00 23.03
C SER B 315 6.75 -11.25 22.89
N ARG B 316 6.08 -11.00 23.99
CA ARG B 316 4.68 -10.62 23.96
C ARG B 316 4.54 -9.10 23.70
N ILE B 317 3.84 -8.64 22.64
CA ILE B 317 3.72 -7.17 22.46
C ILE B 317 3.33 -6.50 23.76
N PRO B 318 4.03 -5.42 24.13
CA PRO B 318 3.67 -4.65 25.31
C PRO B 318 2.24 -4.13 25.26
N ALA B 319 1.74 -3.68 26.41
CA ALA B 319 0.33 -3.40 26.62
C ALA B 319 0.16 -2.42 27.80
N ILE B 320 -0.78 -1.49 27.69
CA ILE B 320 -0.99 -0.52 28.77
C ILE B 320 -1.00 -1.08 30.20
N LYS B 321 -1.45 -2.32 30.38
CA LYS B 321 -1.52 -2.83 31.76
C LYS B 321 -0.12 -2.81 32.31
N ASP B 322 0.86 -3.28 31.51
CA ASP B 322 2.26 -3.52 31.93
C ASP B 322 2.94 -2.33 32.60
N ARG B 323 2.45 -1.13 32.30
CA ARG B 323 2.96 0.12 32.90
C ARG B 323 2.97 0.08 34.42
N GLN B 324 1.85 -0.34 34.99
CA GLN B 324 1.66 -0.43 36.44
C GLN B 324 2.73 -1.32 37.06
N GLU B 325 3.32 -2.21 36.27
CA GLU B 325 4.39 -3.12 36.74
C GLU B 325 5.76 -2.59 36.37
N MET B 326 5.82 -1.59 35.50
CA MET B 326 7.14 -1.09 35.01
C MET B 326 7.50 0.34 35.46
N PRO B 327 7.82 0.52 36.77
CA PRO B 327 8.10 1.86 37.27
C PRO B 327 9.34 2.49 36.59
N TYR B 328 10.35 1.69 36.28
CA TYR B 328 11.55 2.32 35.76
C TYR B 328 11.25 2.89 34.38
N MET B 329 10.49 2.18 33.58
CA MET B 329 10.10 2.62 32.24
C MET B 329 9.10 3.80 32.30
N ASP B 330 8.22 3.75 33.28
CA ASP B 330 7.24 4.77 33.43
C ASP B 330 7.93 6.10 33.77
N ALA B 331 8.98 5.99 34.57
CA ALA B 331 9.75 7.12 34.98
C ALA B 331 10.53 7.65 33.79
N VAL B 332 11.13 6.74 33.04
CA VAL B 332 11.94 7.13 31.96
C VAL B 332 11.07 7.85 30.97
N VAL B 333 9.90 7.31 30.67
CA VAL B 333 9.05 7.91 29.69
C VAL B 333 8.69 9.33 30.09
N HIS B 334 8.40 9.58 31.38
CA HIS B 334 8.13 10.96 31.87
C HIS B 334 9.35 11.87 31.82
N GLU B 335 10.49 11.37 32.26
CA GLU B 335 11.68 12.17 32.28
C GLU B 335 12.12 12.58 30.86
N ILE B 336 11.83 11.77 29.85
CA ILE B 336 12.13 12.22 28.48
C ILE B 336 11.31 13.47 28.14
N GLN B 337 10.04 13.47 28.48
CA GLN B 337 9.20 14.57 28.15
C GLN B 337 9.49 15.77 29.01
N ARG B 338 9.94 15.54 30.21
CA ARG B 338 10.28 16.60 31.12
C ARG B 338 11.61 17.24 30.78
N PHE B 339 12.62 16.45 30.48
CA PHE B 339 13.93 16.93 30.15
C PHE B 339 13.96 17.76 28.84
N ILE B 340 13.09 17.44 27.88
CA ILE B 340 13.27 18.01 26.56
C ILE B 340 12.47 19.27 26.32
N THR B 341 11.50 19.53 27.20
CA THR B 341 10.60 20.68 27.14
C THR B 341 10.29 21.04 25.68
N LEU B 342 9.60 20.11 25.04
CA LEU B 342 9.41 20.11 23.62
C LEU B 342 8.70 21.35 23.14
N VAL B 343 7.67 21.82 23.84
CA VAL B 343 7.10 23.13 23.48
C VAL B 343 7.30 24.10 24.62
N PRO B 344 8.49 24.64 24.67
CA PRO B 344 8.97 25.29 25.85
C PRO B 344 8.16 26.51 26.35
N SER B 345 7.59 27.32 25.45
CA SER B 345 6.83 28.50 25.83
C SER B 345 5.36 28.28 25.66
N ASN B 346 4.94 27.02 25.74
CA ASN B 346 3.56 26.67 25.47
C ASN B 346 3.19 27.08 24.04
N LEU B 347 1.94 26.85 23.65
CA LEU B 347 1.34 27.56 22.52
C LEU B 347 0.76 28.87 23.08
N PRO B 348 0.77 29.96 22.30
CA PRO B 348 0.38 31.22 22.95
C PRO B 348 -1.10 31.30 23.24
N HIS B 349 -1.44 31.86 24.39
CA HIS B 349 -2.85 32.06 24.76
C HIS B 349 -3.15 33.52 24.50
N GLU B 350 -4.42 33.91 24.47
CA GLU B 350 -4.74 35.35 24.63
C GLU B 350 -5.92 35.60 25.52
N ALA B 351 -5.99 36.82 26.04
CA ALA B 351 -7.08 37.22 26.93
C ALA B 351 -8.42 37.40 26.16
N THR B 352 -9.47 36.79 26.71
CA THR B 352 -10.77 36.80 26.08
C THR B 352 -11.53 38.04 26.53
N ARG B 353 -11.27 38.47 27.77
CA ARG B 353 -11.83 39.71 28.32
C ARG B 353 -10.80 40.47 29.15
N ASP B 354 -10.95 41.79 29.24
CA ASP B 354 -10.22 42.58 30.25
C ASP B 354 -10.29 41.76 31.52
N THR B 355 -9.18 41.60 32.23
CA THR B 355 -9.09 40.64 33.33
C THR B 355 -8.12 41.19 34.36
N ILE B 356 -8.33 40.80 35.62
CA ILE B 356 -7.50 41.27 36.72
C ILE B 356 -6.79 40.07 37.29
N PHE B 357 -5.47 40.12 37.26
CA PHE B 357 -4.62 39.00 37.61
C PHE B 357 -3.59 39.53 38.60
N ARG B 358 -3.45 38.88 39.75
CA ARG B 358 -2.66 39.45 40.86
C ARG B 358 -2.74 40.97 40.84
N GLY B 359 -3.95 41.47 40.65
CA GLY B 359 -4.18 42.89 40.78
C GLY B 359 -3.70 43.75 39.64
N TYR B 360 -3.18 43.11 38.60
CA TYR B 360 -2.73 43.82 37.43
C TYR B 360 -3.81 43.63 36.44
N LEU B 361 -3.95 44.61 35.58
CA LEU B 361 -4.85 44.56 34.47
C LEU B 361 -4.20 43.94 33.21
N ILE B 362 -4.85 42.90 32.67
CA ILE B 362 -4.52 42.38 31.35
C ILE B 362 -5.67 42.76 30.38
N PRO B 363 -5.42 43.72 29.48
CA PRO B 363 -6.37 44.16 28.44
C PRO B 363 -6.74 43.01 27.54
N LYS B 364 -7.91 43.08 26.92
CA LYS B 364 -8.38 42.01 26.05
C LYS B 364 -7.56 41.90 24.76
N GLY B 365 -7.45 40.67 24.25
CA GLY B 365 -6.50 40.35 23.17
C GLY B 365 -5.03 40.57 23.49
N THR B 366 -4.69 40.71 24.77
CA THR B 366 -3.27 40.59 25.19
C THR B 366 -2.80 39.12 25.06
N VAL B 367 -1.64 38.90 24.46
CA VAL B 367 -1.13 37.55 24.31
C VAL B 367 -0.63 37.11 25.68
N VAL B 368 -1.00 35.90 26.08
CA VAL B 368 -0.63 35.41 27.40
C VAL B 368 0.20 34.12 27.25
N VAL B 369 1.41 34.15 27.77
CA VAL B 369 2.34 33.03 27.53
C VAL B 369 2.59 32.27 28.80
N PRO B 370 1.84 31.20 28.97
CA PRO B 370 2.06 30.46 30.17
C PRO B 370 3.13 29.40 29.94
N THR B 371 4.32 29.72 30.39
CA THR B 371 5.59 29.11 30.08
C THR B 371 5.72 27.68 30.66
N LEU B 372 6.00 26.66 29.83
CA LEU B 372 6.08 25.27 30.35
C LEU B 372 7.47 24.85 30.85
N ASP B 373 8.48 25.19 30.10
CA ASP B 373 9.82 24.94 30.51
C ASP B 373 10.13 25.35 31.93
N SER B 374 9.65 26.50 32.36
CA SER B 374 9.88 26.97 33.73
C SER B 374 9.19 26.06 34.76
N VAL B 375 8.09 25.41 34.35
CA VAL B 375 7.41 24.45 35.19
C VAL B 375 8.21 23.15 35.21
N LEU B 376 8.58 22.64 34.03
CA LEU B 376 9.22 21.31 33.92
C LEU B 376 10.63 21.29 34.50
N TYR B 377 11.22 22.47 34.66
CA TYR B 377 12.57 22.59 35.22
C TYR B 377 12.55 23.23 36.57
N ASP B 378 11.42 23.16 37.27
CA ASP B 378 11.40 23.61 38.65
C ASP B 378 12.47 22.92 39.49
N ASN B 379 13.38 23.70 40.05
CA ASN B 379 14.50 23.09 40.71
C ASN B 379 14.23 22.64 42.13
N GLN B 380 13.04 22.83 42.64
CA GLN B 380 12.69 22.18 43.87
C GLN B 380 11.94 20.90 43.67
N GLU B 381 11.06 20.83 42.70
CA GLU B 381 10.42 19.59 42.40
C GLU B 381 11.38 18.64 41.75
N PHE B 382 12.24 19.15 40.90
CA PHE B 382 13.20 18.31 40.24
C PHE B 382 14.59 18.77 40.50
N PRO B 383 15.12 18.43 41.65
CA PRO B 383 16.47 18.82 42.04
C PRO B 383 17.40 18.41 40.92
N ASP B 384 18.32 19.28 40.51
CA ASP B 384 19.04 19.11 39.23
C ASP B 384 18.16 18.99 37.93
N PRO B 385 17.29 19.99 37.69
CA PRO B 385 16.34 19.96 36.59
C PRO B 385 17.06 19.90 35.27
N GLU B 386 18.30 20.38 35.18
CA GLU B 386 18.99 20.29 33.91
C GLU B 386 19.57 18.87 33.59
N LYS B 387 19.72 18.01 34.59
CA LYS B 387 20.26 16.64 34.34
C LYS B 387 19.11 15.66 34.11
N PHE B 388 19.31 14.74 33.18
CA PHE B 388 18.35 13.70 32.90
C PHE B 388 18.43 12.56 33.91
N LYS B 389 17.36 12.40 34.70
CA LYS B 389 17.37 11.50 35.82
C LYS B 389 16.01 10.83 36.01
N PRO B 390 15.91 9.53 35.68
CA PRO B 390 14.68 8.84 36.02
C PRO B 390 14.17 9.02 37.48
N GLU B 391 15.06 9.15 38.47
CA GLU B 391 14.60 9.37 39.85
C GLU B 391 13.79 10.62 40.06
N HIS B 392 13.73 11.48 39.04
CA HIS B 392 12.85 12.65 39.10
C HIS B 392 11.42 12.20 39.20
N PHE B 393 11.18 10.95 38.80
CA PHE B 393 9.88 10.29 38.88
C PHE B 393 9.83 8.93 39.65
N LEU B 394 10.84 8.62 40.46
CA LEU B 394 10.78 7.43 41.31
C LEU B 394 10.97 7.93 42.71
N ASN B 395 10.30 7.36 43.69
CA ASN B 395 10.66 7.77 45.06
C ASN B 395 11.61 6.75 45.66
N GLU B 396 11.98 6.96 46.92
CA GLU B 396 13.07 6.21 47.49
C GLU B 396 12.76 4.73 47.51
N ASN B 397 11.51 4.44 47.75
CA ASN B 397 10.88 3.19 47.47
C ASN B 397 11.29 2.54 46.18
N GLY B 398 11.30 3.26 45.06
CA GLY B 398 11.43 2.73 43.68
C GLY B 398 10.24 2.64 42.76
N LYS B 399 9.12 3.12 43.29
CA LYS B 399 7.81 3.14 42.64
C LYS B 399 7.63 4.47 41.88
N PHE B 400 6.78 4.51 40.86
CA PHE B 400 6.55 5.76 40.13
C PHE B 400 6.19 6.87 41.09
N LYS B 401 6.73 8.08 40.89
CA LYS B 401 6.30 9.26 41.66
C LYS B 401 5.68 10.36 40.74
N TYR B 402 4.37 10.54 40.80
CA TYR B 402 3.62 11.56 40.05
C TYR B 402 4.05 12.94 40.45
N SER B 403 4.13 13.85 39.49
CA SER B 403 4.37 15.26 39.78
C SER B 403 3.31 16.14 39.23
N ASP B 404 2.97 17.16 39.95
CA ASP B 404 1.96 18.10 39.56
C ASP B 404 2.59 19.06 38.57
N TYR B 405 3.89 19.02 38.52
CA TYR B 405 4.66 19.83 37.63
C TYR B 405 4.93 19.13 36.35
N PHE B 406 4.53 17.89 36.24
CA PHE B 406 4.61 17.28 34.93
C PHE B 406 3.54 17.87 33.96
N LYS B 407 3.82 19.03 33.38
CA LYS B 407 2.82 19.68 32.51
C LYS B 407 3.26 19.87 31.04
N PRO B 408 3.90 18.88 30.43
CA PRO B 408 4.42 19.14 29.06
C PRO B 408 3.31 19.19 27.98
N PHE B 409 2.06 18.96 28.39
CA PHE B 409 0.89 19.04 27.49
C PHE B 409 0.06 20.22 27.84
N SER B 410 0.58 21.05 28.72
CA SER B 410 -0.15 22.17 29.24
C SER B 410 -1.29 21.68 30.12
N THR B 411 -2.21 22.59 30.45
CA THR B 411 -3.36 22.22 31.25
C THR B 411 -4.48 23.23 31.07
N GLY B 412 -5.68 22.94 31.59
CA GLY B 412 -6.80 23.88 31.53
C GLY B 412 -7.60 23.73 30.25
N LYS B 413 -8.13 24.85 29.76
CA LYS B 413 -9.11 24.80 28.69
C LYS B 413 -8.55 24.34 27.36
N ARG B 414 -7.30 24.69 27.06
CA ARG B 414 -6.67 24.28 25.78
C ARG B 414 -5.64 23.11 25.91
N VAL B 415 -5.74 22.32 26.97
CA VAL B 415 -4.84 21.18 27.14
C VAL B 415 -4.70 20.34 25.83
N CYS B 416 -3.48 19.95 25.46
CA CYS B 416 -3.27 19.17 24.25
C CYS B 416 -4.46 18.28 23.98
N ALA B 417 -5.13 18.50 22.86
CA ALA B 417 -6.28 17.63 22.56
C ALA B 417 -5.93 16.12 22.33
N GLY B 418 -4.64 15.75 22.36
CA GLY B 418 -4.18 14.39 22.01
C GLY B 418 -3.36 13.74 23.11
N GLU B 419 -3.38 14.35 24.28
CA GLU B 419 -2.61 13.81 25.42
C GLU B 419 -2.69 12.29 25.57
N GLY B 420 -3.88 11.75 25.81
CA GLY B 420 -4.06 10.31 26.09
C GLY B 420 -3.34 9.45 25.07
N LEU B 421 -3.59 9.71 23.79
CA LEU B 421 -2.91 9.01 22.73
C LEU B 421 -1.40 9.14 22.87
N ALA B 422 -0.91 10.39 22.94
CA ALA B 422 0.54 10.64 23.01
C ALA B 422 1.15 9.74 24.00
N ARG B 423 0.60 9.74 25.21
CA ARG B 423 1.23 9.07 26.34
C ARG B 423 1.20 7.57 26.19
N MET B 424 0.14 7.07 25.57
CA MET B 424 0.09 5.66 25.30
C MET B 424 1.06 5.29 24.21
N GLU B 425 1.24 6.20 23.26
CA GLU B 425 2.16 5.99 22.15
C GLU B 425 3.60 5.94 22.64
N LEU B 426 4.01 6.89 23.48
CA LEU B 426 5.37 6.95 23.97
C LEU B 426 5.75 5.70 24.71
N PHE B 427 4.83 5.18 25.54
CA PHE B 427 5.14 4.00 26.36
C PHE B 427 5.08 2.66 25.61
N LEU B 428 4.11 2.48 24.71
CA LEU B 428 3.99 1.23 23.96
C LEU B 428 5.10 1.08 22.94
N LEU B 429 5.34 2.17 22.18
CA LEU B 429 6.42 2.19 21.19
C LEU B 429 7.82 2.08 21.80
N LEU B 430 8.07 2.75 22.92
CA LEU B 430 9.42 2.69 23.46
C LEU B 430 9.63 1.31 24.10
N CYS B 431 8.54 0.76 24.64
CA CYS B 431 8.58 -0.61 25.12
C CYS B 431 8.92 -1.60 23.98
N ALA B 432 8.23 -1.42 22.85
CA ALA B 432 8.39 -2.26 21.70
C ALA B 432 9.83 -2.22 21.18
N ILE B 433 10.28 -1.03 20.79
CA ILE B 433 11.64 -0.86 20.31
C ILE B 433 12.67 -1.53 21.19
N LEU B 434 12.58 -1.33 22.49
CA LEU B 434 13.64 -1.83 23.37
C LEU B 434 13.55 -3.33 23.69
N GLN B 435 12.35 -3.88 23.59
CA GLN B 435 12.13 -5.32 23.70
C GLN B 435 12.94 -6.11 22.65
N HIS B 436 13.21 -5.47 21.52
CA HIS B 436 13.67 -6.17 20.35
C HIS B 436 15.02 -5.70 19.84
N PHE B 437 15.52 -4.62 20.42
CA PHE B 437 16.70 -4.00 19.88
C PHE B 437 17.54 -3.38 20.97
N ASN B 438 18.84 -3.51 20.82
CA ASN B 438 19.72 -2.72 21.61
C ASN B 438 20.08 -1.47 20.77
N LEU B 439 20.17 -0.29 21.38
CA LEU B 439 20.57 0.93 20.67
C LEU B 439 22.09 1.05 20.63
N LYS B 440 22.58 1.46 19.47
CA LYS B 440 23.99 1.57 19.24
C LYS B 440 24.34 2.96 18.65
N PRO B 441 24.99 3.82 19.44
CA PRO B 441 25.44 5.15 19.05
C PRO B 441 26.64 5.08 18.11
N LEU B 442 26.80 6.10 17.27
CA LEU B 442 27.95 6.12 16.39
C LEU B 442 29.03 7.03 16.97
N VAL B 443 28.96 7.29 18.27
CA VAL B 443 29.98 8.12 18.95
C VAL B 443 29.96 7.75 20.41
N ASP B 444 31.02 8.04 21.13
CA ASP B 444 31.01 7.81 22.58
C ASP B 444 29.79 8.42 23.27
N PRO B 445 29.04 7.62 24.02
CA PRO B 445 28.12 8.17 25.00
C PRO B 445 28.67 9.44 25.67
N LYS B 446 29.95 9.44 25.95
CA LYS B 446 30.59 10.56 26.58
C LYS B 446 30.33 11.84 25.78
N ASP B 447 30.32 11.73 24.45
CA ASP B 447 30.33 12.85 23.53
C ASP B 447 28.99 13.35 23.03
N ILE B 448 27.93 12.60 23.31
CA ILE B 448 26.62 12.92 22.77
C ILE B 448 26.17 14.25 23.38
N ASP B 449 25.77 15.21 22.55
CA ASP B 449 25.24 16.48 23.04
C ASP B 449 23.75 16.41 22.88
N LEU B 450 23.06 16.61 23.99
CA LEU B 450 21.63 16.57 24.14
C LEU B 450 20.98 17.95 23.93
N SER B 451 21.75 19.02 24.00
CA SER B 451 21.19 20.33 23.69
C SER B 451 20.39 20.39 22.38
N PRO B 452 19.18 21.03 22.43
CA PRO B 452 18.38 21.23 21.22
C PRO B 452 19.16 22.11 20.28
N ILE B 453 18.97 22.02 18.96
CA ILE B 453 19.75 22.85 18.05
C ILE B 453 19.02 24.09 17.53
N HIS B 454 17.73 24.15 17.81
CA HIS B 454 16.94 25.35 17.64
C HIS B 454 15.93 25.28 18.75
N ILE B 455 15.50 26.46 19.20
CA ILE B 455 14.55 26.59 20.29
C ILE B 455 13.58 27.74 19.98
N GLY B 456 12.32 27.44 19.75
CA GLY B 456 11.31 28.51 19.59
C GLY B 456 9.92 27.99 19.91
N PHE B 457 9.10 27.83 18.86
CA PHE B 457 7.90 26.99 18.89
C PHE B 457 8.27 25.63 19.57
N GLY B 458 9.33 24.96 19.13
CA GLY B 458 9.71 23.70 19.79
C GLY B 458 11.18 23.69 20.18
N CYS B 459 11.60 22.59 20.78
CA CYS B 459 13.01 22.31 21.05
C CYS B 459 13.48 21.23 20.10
N ILE B 460 14.40 21.57 19.20
CA ILE B 460 14.75 20.64 18.14
C ILE B 460 16.04 19.83 18.44
N PRO B 461 15.97 18.49 18.39
CA PRO B 461 17.12 17.72 18.73
C PRO B 461 18.13 17.70 17.64
N PRO B 462 19.38 17.40 17.95
CA PRO B 462 20.38 17.27 16.91
C PRO B 462 20.05 16.14 15.96
N ARG B 463 20.44 16.31 14.70
CA ARG B 463 20.53 15.20 13.76
C ARG B 463 21.51 14.16 14.26
N TYR B 464 21.15 12.89 14.10
CA TYR B 464 22.08 11.85 14.43
C TYR B 464 21.77 10.60 13.68
N LYS B 465 22.76 9.73 13.59
CA LYS B 465 22.47 8.37 13.16
C LYS B 465 22.77 7.36 14.26
N LEU B 466 22.16 6.19 14.10
CA LEU B 466 22.44 5.08 14.96
C LEU B 466 22.21 3.69 14.31
N CYS B 467 22.59 2.67 15.07
CA CYS B 467 22.34 1.30 14.69
C CYS B 467 21.46 0.69 15.73
N VAL B 468 20.57 -0.17 15.25
CA VAL B 468 19.75 -0.99 16.14
C VAL B 468 20.14 -2.49 16.00
N ILE B 469 20.54 -3.10 17.12
CA ILE B 469 21.04 -4.48 17.16
C ILE B 469 19.96 -5.44 17.71
N PRO B 470 19.46 -6.37 16.88
CA PRO B 470 18.31 -7.25 17.27
C PRO B 470 18.60 -8.05 18.54
N ARG B 471 17.63 -8.19 19.43
CA ARG B 471 17.82 -9.00 20.64
C ARG B 471 17.23 -10.44 20.53
N SER B 472 16.41 -10.69 19.51
CA SER B 472 15.61 -11.91 19.47
C SER B 472 16.03 -12.87 18.36
N HIS B 473 16.17 -12.40 17.13
CA HIS B 473 16.63 -13.31 16.05
C HIS B 473 15.52 -14.12 15.35
#